data_2WBE
#
_entry.id   2WBE
#
_cell.length_a   1.000
_cell.length_b   1.000
_cell.length_c   1.000
_cell.angle_alpha   90.00
_cell.angle_beta   90.00
_cell.angle_gamma   90.00
#
_symmetry.space_group_name_H-M   'P 1'
#
loop_
_entity.id
_entity.type
_entity.pdbx_description
1 polymer 'TUBULIN ALPHA-1D CHAIN'
2 polymer 'TUBULIN BETA-2B CHAIN'
3 polymer 'BIPOLAR KINESIN KRP-130'
4 non-polymer 'MAGNESIUM ION'
5 non-polymer "GUANOSINE-5'-TRIPHOSPHATE"
6 non-polymer "GUANOSINE-5'-DIPHOSPHATE"
7 non-polymer TAXOL
8 non-polymer 'PHOSPHOAMINOPHOSPHONIC ACID-ADENYLATE ESTER'
#
loop_
_entity_poly.entity_id
_entity_poly.type
_entity_poly.pdbx_seq_one_letter_code
_entity_poly.pdbx_strand_id
1 'polypeptide(L)'
;MRECISIHVGQAGVQIGNACWELYCLEHGIQPDGQMPSDKTIGGGDDSFNTFFSETGAGKHVPRAVFVDLEPTVIDEVRT
GTYRQLFHPEQLITGKEDAANNYARGHYTIGKEIIDLVLDRIRKLADQCTGLQGFSVFHSFGGGTGSGFTSLLMERLSVD
YGKKSKLEFSIYPAPQVSTAVVEPYNSILTTHTTLEHSDCAFMVDNEAIYDICRRNLDIERPTYTNLNRLIGQIVSSITA
SLRFDGALNVDLTEFQTNLVPYPRGHFPLATYAPVISAEKAYHEQLSVAEITNACFEPANQMVKCDPRHGKYMACCLLYR
GDVVPKDVNAAIATIKTKRTIQFVDWCPTGFKVGINYEPPTVVPGGDLAKVQRAVCMLSNTTAIAEAWARLDHKFDLMYA
KRAFVHWYVGEGMEEGEFSEAREDMAALEKDYEEVGVDSVEGEGEEEGEEY
;
A
2 'polypeptide(L)'
;MREIVHIQAGQCGNQIGAKFWEVISDEHGIDPTGSYHGDSDLQLERINVYYNEAAGNKYVPRAILVDLEPGTMDSVRSGP
FGQIFRPDNFVFGQSGAGNNWAKGHYTEGAELVDSVLDVVRKESESCDCLQGFQLTHSLGGGTGSGMGTLLISKIREEYP
DRIMNTFSVVPSPKVSDTVVEPYNATLSVHQLVENTDETYCIDNEALYDICFRTLKLTTPTYGDLNHLVSATMSGVTTCL
RFPGQLNADLRKLAVNMVPFPRLHFFMPGFAPLTSRGSQQYRALTVPELTQQMFDAKNMMAACDPRHGRYLTVAAVFRGR
MSMKEVDEQMLNVQNKNSSYFVEWIPNNVKTAVCDIPPRGLKMSATFIGNSTAIQELFKRISEQFTAMFRRKAFLHWYTG
EGMDEMEFTEAESNMNDLVSEYQQYQDATADEQGEFEEEGEEDEA
;
B
3 'polypeptide(L)'
;GHMASMDISGGNTSRQPQKKSNQNIQVYVRVRPLNSRERCIRSAEVVDVVGPREVVTRHTLDSKLTKKFTFDRSFGPESK
QCDVYSVVVSPLIEEVLNGYNCTVFAYGQTGTGKTHTMVGNETAELKSSWEDDSDIGIIPRALSHLFDELRMMEVEYTMR
ISYLELYNEELCDLLSTDDTTKIRIFDDSTKKGSVIIQGLEEIPVHSKDDVYKLLEKGKERRKTATTLMNAQSSRSHTVF
SIVVHIRENGIEGEDMLKIGKLNLVDLAGSENVSKAGNEKGIRVRETVNINQSLLTLGRVITALVDRAPHVPYRESKLTR
LLQESLGGRTKTSIIATISPGHKDIEETLSTLEYAHRAKNIQNKPEVNQKLTK
;
C
#
loop_
_chem_comp.id
_chem_comp.type
_chem_comp.name
_chem_comp.formula
ANP non-polymer 'PHOSPHOAMINOPHOSPHONIC ACID-ADENYLATE ESTER' 'C10 H17 N6 O12 P3'
GDP RNA linking GUANOSINE-5'-DIPHOSPHATE 'C10 H15 N5 O11 P2'
GTP non-polymer GUANOSINE-5'-TRIPHOSPHATE 'C10 H16 N5 O14 P3'
MG non-polymer 'MAGNESIUM ION' 'Mg 2'
TA1 non-polymer TAXOL 'C47 H51 N O14'
#
# COMPACT_ATOMS: atom_id res chain seq x y z
N ARG A 2 11.47 37.23 -13.76
CA ARG A 2 10.26 38.04 -13.44
C ARG A 2 9.03 37.21 -13.13
N GLU A 3 8.76 36.19 -13.94
CA GLU A 3 7.59 35.35 -13.72
C GLU A 3 7.88 34.19 -12.78
N CYS A 4 6.86 33.36 -12.59
CA CYS A 4 6.95 32.19 -11.72
C CYS A 4 5.92 31.17 -12.17
N ILE A 5 6.36 30.14 -12.90
CA ILE A 5 5.43 29.11 -13.36
C ILE A 5 4.84 28.41 -12.14
N SER A 6 3.83 27.59 -12.35
CA SER A 6 3.20 26.85 -11.29
C SER A 6 2.72 25.50 -11.78
N ILE A 7 3.01 24.47 -10.99
CA ILE A 7 2.62 23.12 -11.33
C ILE A 7 1.75 22.55 -10.24
N HIS A 8 0.45 22.51 -10.52
CA HIS A 8 -0.52 21.99 -9.57
C HIS A 8 -0.61 20.48 -9.72
N VAL A 9 -0.03 19.76 -8.76
CA VAL A 9 -0.02 18.31 -8.81
C VAL A 9 -0.91 17.62 -7.78
N GLY A 10 -1.65 16.61 -8.25
CA GLY A 10 -2.55 15.85 -7.40
C GLY A 10 -3.95 16.43 -7.46
N GLN A 11 -4.98 15.61 -7.40
CA GLN A 11 -6.33 16.15 -7.45
C GLN A 11 -6.41 17.39 -6.60
N ALA A 12 -6.05 17.26 -5.32
CA ALA A 12 -6.10 18.39 -4.42
C ALA A 12 -5.37 19.62 -4.97
N GLY A 13 -4.08 19.46 -5.22
CA GLY A 13 -3.27 20.55 -5.74
C GLY A 13 -3.91 21.17 -6.96
N VAL A 14 -4.84 20.42 -7.54
CA VAL A 14 -5.57 20.86 -8.73
C VAL A 14 -6.85 21.59 -8.34
N GLN A 15 -7.50 21.13 -7.27
CA GLN A 15 -8.73 21.75 -6.78
C GLN A 15 -8.34 23.11 -6.21
N ILE A 16 -7.29 23.10 -5.40
CA ILE A 16 -6.75 24.30 -4.81
C ILE A 16 -6.28 25.16 -5.98
N GLY A 17 -5.76 24.50 -7.00
CA GLY A 17 -5.28 25.20 -8.17
C GLY A 17 -6.41 25.95 -8.86
N ASN A 18 -7.49 25.23 -9.14
CA ASN A 18 -8.62 25.86 -9.80
C ASN A 18 -9.06 27.07 -9.00
N ALA A 19 -8.94 26.97 -7.67
CA ALA A 19 -9.33 28.03 -6.74
C ALA A 19 -8.41 29.24 -6.79
N CYS A 20 -7.14 29.00 -6.52
CA CYS A 20 -6.13 30.05 -6.55
C CYS A 20 -6.18 30.65 -7.94
N TRP A 21 -6.42 29.80 -8.93
CA TRP A 21 -6.47 30.28 -10.28
C TRP A 21 -7.70 31.12 -10.52
N GLU A 22 -8.74 30.87 -9.75
CA GLU A 22 -9.97 31.63 -9.88
C GLU A 22 -9.72 33.02 -9.32
N LEU A 23 -9.44 33.08 -8.02
CA LEU A 23 -9.19 34.35 -7.38
C LEU A 23 -8.41 35.27 -8.31
N TYR A 24 -7.46 34.69 -9.04
CA TYR A 24 -6.63 35.48 -9.94
C TYR A 24 -7.38 36.38 -10.91
N CYS A 25 -7.88 35.80 -11.99
CA CYS A 25 -8.59 36.58 -12.99
C CYS A 25 -9.57 37.53 -12.30
N LEU A 26 -10.19 37.03 -11.24
CA LEU A 26 -11.17 37.78 -10.47
C LEU A 26 -10.69 39.17 -10.03
N GLU A 27 -9.40 39.27 -9.77
CA GLU A 27 -8.82 40.54 -9.33
C GLU A 27 -7.90 41.12 -10.39
N HIS A 28 -8.08 40.67 -11.63
CA HIS A 28 -7.30 41.14 -12.75
C HIS A 28 -8.18 41.46 -13.95
N GLY A 29 -9.50 41.43 -13.72
CA GLY A 29 -10.46 41.74 -14.76
C GLY A 29 -10.40 40.91 -16.03
N ILE A 30 -10.03 39.65 -15.90
CA ILE A 30 -9.92 38.76 -17.04
C ILE A 30 -10.92 37.60 -16.86
N GLN A 31 -12.15 37.82 -17.32
CA GLN A 31 -13.25 36.88 -17.26
C GLN A 31 -12.91 35.51 -17.86
N PRO A 32 -13.88 34.57 -17.84
CA PRO A 32 -13.72 33.20 -18.38
C PRO A 32 -12.73 33.05 -19.50
N ASP A 33 -13.03 33.77 -20.58
CA ASP A 33 -12.23 33.76 -21.80
C ASP A 33 -11.59 35.14 -22.05
N GLY A 34 -10.34 35.29 -21.64
CA GLY A 34 -9.65 36.57 -21.84
C GLY A 34 -8.48 36.47 -22.81
N HIS A 61 -6.69 35.77 -20.94
CA HIS A 61 -5.48 35.81 -21.77
C HIS A 61 -5.01 34.38 -21.97
N VAL A 62 -4.06 33.97 -21.12
CA VAL A 62 -3.47 32.64 -21.12
C VAL A 62 -2.81 32.46 -19.75
N PRO A 63 -3.10 31.33 -19.08
CA PRO A 63 -2.50 31.10 -17.76
C PRO A 63 -0.97 31.08 -17.84
N ARG A 64 -0.34 30.37 -16.92
CA ARG A 64 1.10 30.27 -16.92
C ARG A 64 1.47 29.14 -15.99
N ALA A 65 0.74 28.03 -16.10
CA ALA A 65 0.97 26.88 -15.26
C ALA A 65 0.55 25.58 -15.91
N VAL A 66 0.60 24.49 -15.14
CA VAL A 66 0.18 23.22 -15.66
C VAL A 66 -0.57 22.41 -14.62
N PHE A 67 -1.23 21.34 -15.07
CA PHE A 67 -2.00 20.48 -14.18
C PHE A 67 -1.70 19.00 -14.37
N VAL A 68 -1.21 18.36 -13.31
CA VAL A 68 -0.85 16.94 -13.36
C VAL A 68 -1.66 16.04 -12.43
N ASP A 69 -2.07 14.89 -12.94
CA ASP A 69 -2.84 13.91 -12.17
C ASP A 69 -2.90 12.58 -12.91
N LEU A 70 -2.90 11.50 -12.14
CA LEU A 70 -2.95 10.16 -12.71
C LEU A 70 -4.37 9.60 -12.63
N GLU A 71 -5.32 10.48 -12.37
CA GLU A 71 -6.74 10.15 -12.33
C GLU A 71 -7.37 11.19 -13.23
N PRO A 72 -7.79 10.78 -14.42
CA PRO A 72 -8.38 11.72 -15.36
C PRO A 72 -9.57 12.53 -14.85
N THR A 73 -10.58 11.85 -14.32
CA THR A 73 -11.79 12.52 -13.86
C THR A 73 -11.62 13.84 -13.10
N VAL A 74 -10.48 14.05 -12.44
CA VAL A 74 -10.28 15.30 -11.68
C VAL A 74 -9.81 16.51 -12.50
N ILE A 75 -8.83 16.28 -13.37
CA ILE A 75 -8.30 17.34 -14.24
C ILE A 75 -9.42 17.61 -15.23
N ASP A 76 -10.25 16.59 -15.43
CA ASP A 76 -11.38 16.71 -16.31
C ASP A 76 -12.29 17.81 -15.76
N GLU A 77 -12.36 17.91 -14.43
CA GLU A 77 -13.20 18.92 -13.79
C GLU A 77 -12.77 20.31 -14.20
N VAL A 78 -11.53 20.44 -14.64
CA VAL A 78 -11.01 21.72 -15.08
C VAL A 78 -11.28 21.78 -16.57
N ARG A 79 -11.59 20.62 -17.14
CA ARG A 79 -11.90 20.50 -18.56
C ARG A 79 -13.42 20.55 -18.81
N THR A 80 -14.20 20.35 -17.75
CA THR A 80 -15.67 20.36 -17.85
C THR A 80 -16.25 21.59 -17.15
N GLY A 81 -15.84 21.81 -15.91
CA GLY A 81 -16.35 22.93 -15.14
C GLY A 81 -15.88 24.32 -15.53
N THR A 82 -16.02 25.24 -14.57
CA THR A 82 -15.63 26.63 -14.77
C THR A 82 -14.18 26.73 -15.22
N TYR A 83 -13.80 27.92 -15.69
CA TYR A 83 -12.44 28.16 -16.17
C TYR A 83 -12.02 27.03 -17.10
N ARG A 84 -12.96 26.67 -17.95
CA ARG A 84 -12.79 25.59 -18.92
C ARG A 84 -11.87 25.95 -20.09
N GLN A 85 -12.17 27.06 -20.77
CA GLN A 85 -11.38 27.49 -21.91
C GLN A 85 -10.25 28.48 -21.61
N LEU A 86 -9.96 28.69 -20.33
CA LEU A 86 -8.88 29.59 -19.97
C LEU A 86 -7.57 28.83 -19.94
N PHE A 87 -7.62 27.56 -20.31
CA PHE A 87 -6.43 26.72 -20.32
C PHE A 87 -6.23 26.06 -21.67
N HIS A 88 -4.99 25.62 -21.89
CA HIS A 88 -4.61 24.94 -23.10
C HIS A 88 -4.55 23.47 -22.78
N PRO A 89 -5.28 22.66 -23.54
CA PRO A 89 -5.27 21.22 -23.30
C PRO A 89 -3.85 20.68 -23.26
N GLU A 90 -2.89 21.59 -23.37
CA GLU A 90 -1.49 21.24 -23.36
C GLU A 90 -0.90 21.38 -21.95
N GLN A 91 -1.47 22.28 -21.15
CA GLN A 91 -1.01 22.49 -19.77
C GLN A 91 -1.89 21.71 -18.81
N LEU A 92 -2.57 20.71 -19.34
CA LEU A 92 -3.44 19.82 -18.58
C LEU A 92 -2.99 18.38 -18.84
N ILE A 93 -2.09 17.89 -18.00
CA ILE A 93 -1.55 16.54 -18.14
C ILE A 93 -2.36 15.54 -17.30
N THR A 94 -2.65 14.39 -17.91
CA THR A 94 -3.40 13.32 -17.26
C THR A 94 -2.86 11.95 -17.66
N GLY A 95 -3.02 10.99 -16.75
CA GLY A 95 -2.59 9.63 -17.02
C GLY A 95 -3.78 8.73 -16.75
N LYS A 96 -4.69 8.65 -17.72
CA LYS A 96 -5.91 7.84 -17.63
C LYS A 96 -5.79 6.65 -16.69
N GLU A 97 -4.56 6.18 -16.54
CA GLU A 97 -4.27 5.03 -15.71
C GLU A 97 -4.83 5.11 -14.30
N ASP A 98 -3.98 4.84 -13.32
CA ASP A 98 -4.44 4.82 -11.95
C ASP A 98 -3.67 5.75 -11.01
N ALA A 99 -4.42 6.40 -10.12
CA ALA A 99 -3.84 7.31 -9.16
C ALA A 99 -3.04 6.56 -8.07
N ALA A 100 -3.76 5.80 -7.25
CA ALA A 100 -3.18 5.00 -6.17
C ALA A 100 -2.72 5.84 -5.02
N ASN A 101 -3.37 5.71 -3.88
CA ASN A 101 -2.98 6.55 -2.76
C ASN A 101 -1.68 6.10 -2.14
N ASN A 102 -0.73 5.78 -3.00
CA ASN A 102 0.56 5.37 -2.51
C ASN A 102 1.72 5.97 -3.29
N TYR A 103 2.59 6.61 -2.51
CA TYR A 103 3.79 7.27 -2.98
C TYR A 103 4.43 6.43 -4.09
N ALA A 104 5.14 5.39 -3.70
CA ALA A 104 5.81 4.48 -4.62
C ALA A 104 5.26 4.47 -6.03
N ARG A 105 4.06 3.93 -6.16
CA ARG A 105 3.38 3.84 -7.44
C ARG A 105 3.38 5.18 -8.16
N GLY A 106 2.99 6.23 -7.45
CA GLY A 106 2.95 7.53 -8.10
C GLY A 106 4.32 8.10 -8.45
N HIS A 107 5.31 7.84 -7.61
CA HIS A 107 6.66 8.34 -7.87
C HIS A 107 7.31 7.44 -8.90
N TYR A 108 7.63 6.22 -8.48
CA TYR A 108 8.27 5.22 -9.33
C TYR A 108 7.33 4.70 -10.40
N THR A 109 7.03 3.41 -10.34
CA THR A 109 6.14 2.72 -11.29
C THR A 109 5.32 3.61 -12.23
N ILE A 110 4.08 3.92 -11.86
CA ILE A 110 3.26 4.71 -12.77
C ILE A 110 3.73 6.14 -12.98
N GLY A 111 3.58 6.98 -11.97
CA GLY A 111 3.98 8.37 -12.10
C GLY A 111 5.14 8.64 -13.06
N LYS A 112 6.07 7.69 -13.15
CA LYS A 112 7.23 7.83 -14.02
C LYS A 112 6.85 8.12 -15.47
N GLU A 113 6.08 7.22 -16.05
CA GLU A 113 5.64 7.34 -17.43
C GLU A 113 5.24 8.74 -17.90
N ILE A 114 4.57 9.49 -17.01
CA ILE A 114 4.10 10.81 -17.34
C ILE A 114 5.12 11.93 -17.22
N ILE A 115 5.94 11.87 -16.18
CA ILE A 115 6.95 12.88 -15.88
C ILE A 115 7.57 13.55 -17.09
N ASP A 116 8.21 12.77 -17.97
CA ASP A 116 8.82 13.35 -19.17
C ASP A 116 7.86 14.41 -19.67
N LEU A 117 6.76 13.92 -20.24
CA LEU A 117 5.71 14.76 -20.78
C LEU A 117 5.45 15.94 -19.86
N VAL A 118 5.28 15.68 -18.57
CA VAL A 118 5.04 16.76 -17.61
C VAL A 118 6.13 17.80 -17.78
N LEU A 119 7.37 17.38 -17.51
CA LEU A 119 8.51 18.26 -17.64
C LEU A 119 8.41 19.08 -18.92
N ASP A 120 8.30 18.37 -20.04
CA ASP A 120 8.20 19.03 -21.34
C ASP A 120 7.44 20.33 -21.30
N ARG A 121 6.31 20.37 -20.59
CA ARG A 121 5.54 21.60 -20.51
C ARG A 121 6.25 22.66 -19.66
N ILE A 122 6.82 22.23 -18.55
CA ILE A 122 7.51 23.17 -17.67
C ILE A 122 8.87 23.52 -18.22
N ARG A 123 9.10 23.12 -19.47
CA ARG A 123 10.33 23.41 -20.20
C ARG A 123 9.91 24.13 -21.49
N LYS A 124 8.65 23.89 -21.87
CA LYS A 124 8.05 24.50 -23.05
C LYS A 124 7.40 25.81 -22.62
N LEU A 125 6.90 25.82 -21.39
CA LEU A 125 6.24 27.00 -20.80
C LEU A 125 7.32 27.86 -20.15
N ALA A 126 8.44 27.23 -19.80
CA ALA A 126 9.55 27.92 -19.15
C ALA A 126 10.41 28.67 -20.16
N ASP A 127 10.29 28.27 -21.41
CA ASP A 127 11.07 28.87 -22.49
C ASP A 127 10.36 30.11 -23.02
N GLN A 128 9.10 29.92 -23.42
CA GLN A 128 8.27 30.98 -23.96
C GLN A 128 8.37 32.32 -23.24
N CYS A 129 8.53 32.29 -21.91
CA CYS A 129 8.61 33.52 -21.10
C CYS A 129 9.86 34.40 -21.30
N THR A 130 10.08 35.30 -20.34
CA THR A 130 11.22 36.23 -20.36
C THR A 130 11.86 36.26 -18.97
N GLY A 131 13.06 35.70 -18.84
CA GLY A 131 13.74 35.67 -17.56
C GLY A 131 12.77 35.43 -16.42
N LEU A 132 12.49 34.16 -16.13
CA LEU A 132 11.57 33.78 -15.05
C LEU A 132 12.29 33.75 -13.70
N GLN A 133 11.56 33.41 -12.65
CA GLN A 133 12.13 33.36 -11.31
C GLN A 133 11.97 31.98 -10.66
N GLY A 134 10.97 31.22 -11.10
CA GLY A 134 10.75 29.91 -10.51
C GLY A 134 9.39 29.32 -10.77
N PHE A 135 9.12 28.18 -10.12
CA PHE A 135 7.85 27.47 -10.27
C PHE A 135 7.10 27.28 -8.95
N SER A 136 5.96 27.93 -8.81
CA SER A 136 5.17 27.76 -7.60
C SER A 136 4.46 26.41 -7.80
N VAL A 137 4.90 25.41 -7.06
CA VAL A 137 4.37 24.05 -7.13
C VAL A 137 3.19 23.85 -6.15
N PHE A 138 2.11 23.22 -6.57
CA PHE A 138 0.97 22.99 -5.68
C PHE A 138 0.65 21.51 -5.50
N HIS A 139 0.99 20.95 -4.36
CA HIS A 139 0.73 19.54 -4.10
C HIS A 139 0.16 19.27 -2.71
N SER A 140 -0.39 18.08 -2.55
CA SER A 140 -1.01 17.67 -1.29
C SER A 140 -0.31 16.56 -0.53
N PHE A 141 0.90 16.86 -0.06
CA PHE A 141 1.70 15.94 0.72
C PHE A 141 1.28 14.49 0.81
N GLY A 142 0.15 14.23 1.47
CA GLY A 142 -0.30 12.85 1.65
C GLY A 142 -1.22 12.25 0.61
N GLY A 143 -0.76 12.19 -0.64
CA GLY A 143 -1.58 11.61 -1.68
C GLY A 143 -0.72 10.66 -2.49
N GLY A 144 -1.22 10.23 -3.63
CA GLY A 144 -0.46 9.34 -4.47
C GLY A 144 0.21 10.17 -5.55
N THR A 145 -0.60 10.87 -6.33
CA THR A 145 -0.12 11.72 -7.40
C THR A 145 0.51 12.97 -6.83
N GLY A 146 0.08 13.34 -5.62
CA GLY A 146 0.61 14.55 -5.02
C GLY A 146 1.94 14.41 -4.29
N SER A 147 2.11 13.30 -3.59
CA SER A 147 3.32 13.05 -2.83
C SER A 147 4.38 12.53 -3.79
N GLY A 148 4.15 11.29 -4.23
CA GLY A 148 5.07 10.63 -5.13
C GLY A 148 5.47 11.46 -6.32
N PHE A 149 4.66 11.45 -7.36
CA PHE A 149 4.95 12.21 -8.57
C PHE A 149 5.82 13.44 -8.34
N THR A 150 5.23 14.49 -7.78
CA THR A 150 5.96 15.72 -7.54
C THR A 150 7.34 15.39 -7.07
N SER A 151 7.41 14.55 -6.05
CA SER A 151 8.69 14.15 -5.51
C SER A 151 9.73 14.12 -6.62
N LEU A 152 9.42 13.45 -7.72
CA LEU A 152 10.37 13.40 -8.81
C LEU A 152 10.25 14.58 -9.78
N LEU A 153 9.13 15.29 -9.75
CA LEU A 153 8.95 16.44 -10.61
C LEU A 153 9.88 17.52 -10.08
N MET A 154 9.72 17.87 -8.81
CA MET A 154 10.58 18.86 -8.19
C MET A 154 11.99 18.31 -8.29
N GLU A 155 12.08 16.99 -8.23
CA GLU A 155 13.37 16.32 -8.31
C GLU A 155 14.02 16.68 -9.61
N ARG A 156 13.35 16.37 -10.72
CA ARG A 156 13.89 16.67 -12.05
C ARG A 156 14.07 18.18 -12.34
N LEU A 157 13.46 19.04 -11.52
CA LEU A 157 13.58 20.50 -11.67
C LEU A 157 14.87 21.01 -11.05
N SER A 158 15.10 20.64 -9.80
CA SER A 158 16.29 21.05 -9.08
C SER A 158 17.55 20.80 -9.88
N VAL A 159 17.47 19.95 -10.90
CA VAL A 159 18.63 19.65 -11.72
C VAL A 159 18.59 20.41 -13.04
N ASP A 160 17.38 20.55 -13.60
CA ASP A 160 17.23 21.23 -14.86
C ASP A 160 17.23 22.75 -14.74
N TYR A 161 16.98 23.25 -13.53
CA TYR A 161 16.98 24.69 -13.31
C TYR A 161 17.46 24.99 -11.91
N GLY A 162 18.53 24.34 -11.46
CA GLY A 162 19.00 24.61 -10.11
C GLY A 162 19.11 26.10 -9.85
N LYS A 163 19.28 26.85 -10.93
CA LYS A 163 19.44 28.30 -10.90
C LYS A 163 18.14 29.09 -10.81
N LYS A 164 17.21 28.66 -9.95
CA LYS A 164 15.94 29.37 -9.80
C LYS A 164 15.32 29.11 -8.44
N SER A 165 14.07 29.54 -8.30
CA SER A 165 13.34 29.35 -7.06
C SER A 165 12.37 28.19 -7.17
N LYS A 166 12.33 27.40 -6.10
CA LYS A 166 11.46 26.25 -6.03
C LYS A 166 10.64 26.34 -4.75
N LEU A 167 9.61 27.16 -4.79
CA LEU A 167 8.75 27.32 -3.65
C LEU A 167 7.56 26.41 -3.86
N GLU A 168 7.46 25.37 -3.05
CA GLU A 168 6.36 24.46 -3.17
C GLU A 168 5.33 24.73 -2.10
N PHE A 169 4.11 24.98 -2.55
CA PHE A 169 3.01 25.26 -1.65
C PHE A 169 2.25 23.98 -1.32
N SER A 170 2.51 23.43 -0.13
CA SER A 170 1.89 22.18 0.29
C SER A 170 0.70 22.29 1.26
N ILE A 171 -0.07 21.21 1.33
CA ILE A 171 -1.24 21.07 2.18
C ILE A 171 -0.96 19.81 2.96
N TYR A 172 -0.09 19.94 3.96
CA TYR A 172 0.34 18.80 4.74
C TYR A 172 -0.73 18.28 5.70
N PRO A 173 -0.78 16.94 5.89
CA PRO A 173 -1.63 16.07 6.72
C PRO A 173 -2.32 16.66 7.95
N ALA A 174 -3.65 16.62 7.95
CA ALA A 174 -4.41 17.13 9.09
C ALA A 174 -3.94 16.37 10.31
N PRO A 175 -3.60 17.10 11.38
CA PRO A 175 -3.10 16.56 12.64
C PRO A 175 -3.86 15.37 13.27
N GLN A 176 -5.16 15.28 13.03
CA GLN A 176 -5.96 14.20 13.58
C GLN A 176 -7.03 13.77 12.61
N VAL A 177 -7.34 14.67 11.69
CA VAL A 177 -8.36 14.43 10.69
C VAL A 177 -7.75 14.12 9.34
N SER A 178 -6.93 13.08 9.27
CA SER A 178 -6.32 12.72 8.00
C SER A 178 -7.39 11.97 7.22
N THR A 179 -7.09 11.62 5.98
CA THR A 179 -8.04 10.90 5.18
C THR A 179 -7.48 9.52 4.85
N ALA A 180 -6.55 9.48 3.89
CA ALA A 180 -5.93 8.22 3.50
C ALA A 180 -5.49 7.49 4.74
N VAL A 181 -5.48 6.17 4.67
CA VAL A 181 -5.09 5.35 5.79
C VAL A 181 -3.60 5.37 5.95
N VAL A 182 -2.91 5.51 4.83
CA VAL A 182 -1.46 5.53 4.80
C VAL A 182 -0.81 6.91 4.92
N GLU A 183 -1.53 7.96 4.52
CA GLU A 183 -1.08 9.35 4.56
C GLU A 183 0.39 9.56 4.97
N PRO A 184 0.78 9.20 6.21
CA PRO A 184 2.19 9.39 6.61
C PRO A 184 3.20 8.73 5.67
N TYR A 185 2.93 7.51 5.26
CA TYR A 185 3.84 6.85 4.34
C TYR A 185 4.07 7.82 3.19
N ASN A 186 2.99 8.34 2.64
CA ASN A 186 3.06 9.27 1.53
C ASN A 186 3.66 10.63 1.82
N SER A 187 3.67 11.04 3.09
CA SER A 187 4.17 12.35 3.45
C SER A 187 5.55 12.36 4.06
N ILE A 188 6.01 11.22 4.52
CA ILE A 188 7.35 11.19 5.07
C ILE A 188 8.21 10.98 3.85
N LEU A 189 7.57 10.52 2.77
CA LEU A 189 8.24 10.25 1.52
C LEU A 189 8.30 11.41 0.56
N THR A 190 7.35 12.32 0.64
CA THR A 190 7.37 13.47 -0.23
C THR A 190 8.27 14.53 0.38
N THR A 191 8.46 14.44 1.68
CA THR A 191 9.29 15.40 2.38
C THR A 191 10.77 15.13 2.16
N HIS A 192 11.17 13.86 2.28
CA HIS A 192 12.56 13.47 2.15
C HIS A 192 13.11 13.58 0.74
N THR A 193 12.24 13.36 -0.23
CA THR A 193 12.62 13.41 -1.63
C THR A 193 12.61 14.83 -2.18
N THR A 194 11.76 15.68 -1.61
CA THR A 194 11.65 17.06 -2.07
C THR A 194 12.58 17.97 -1.27
N LEU A 195 12.85 17.60 -0.03
CA LEU A 195 13.69 18.37 0.89
C LEU A 195 14.95 18.92 0.27
N GLU A 196 15.65 18.05 -0.45
CA GLU A 196 16.91 18.40 -1.08
C GLU A 196 16.69 19.00 -2.47
N HIS A 197 15.51 19.56 -2.69
CA HIS A 197 15.17 20.13 -3.98
C HIS A 197 14.37 21.44 -3.97
N SER A 198 13.64 21.70 -2.89
CA SER A 198 12.84 22.92 -2.81
C SER A 198 13.64 24.09 -2.27
N ASP A 199 13.09 25.27 -2.49
CA ASP A 199 13.71 26.51 -2.04
C ASP A 199 13.05 26.94 -0.74
N CYS A 200 11.72 26.98 -0.78
CA CYS A 200 10.90 27.37 0.36
C CYS A 200 9.60 26.62 0.18
N ALA A 201 9.21 25.86 1.19
CA ALA A 201 7.96 25.12 1.10
C ALA A 201 6.91 25.73 2.01
N PHE A 202 5.88 26.32 1.40
CA PHE A 202 4.80 26.91 2.18
C PHE A 202 3.89 25.80 2.64
N MET A 203 3.33 25.97 3.82
CA MET A 203 2.45 24.95 4.36
C MET A 203 1.14 25.51 4.87
N VAL A 204 0.06 24.83 4.48
CA VAL A 204 -1.29 25.20 4.87
C VAL A 204 -1.98 23.91 5.31
N ASP A 205 -2.30 23.84 6.61
CA ASP A 205 -2.91 22.67 7.22
C ASP A 205 -4.40 22.61 6.96
N ASN A 206 -4.86 21.57 6.28
CA ASN A 206 -6.27 21.42 5.97
C ASN A 206 -7.19 21.54 7.18
N GLU A 207 -6.91 20.82 8.27
CA GLU A 207 -7.75 20.91 9.47
C GLU A 207 -7.71 22.28 10.13
N ALA A 208 -6.52 22.71 10.50
CA ALA A 208 -6.34 24.01 11.15
C ALA A 208 -6.96 25.17 10.35
N ILE A 209 -7.45 24.89 9.15
CA ILE A 209 -8.10 25.90 8.33
C ILE A 209 -9.59 25.80 8.64
N TYR A 210 -10.04 24.60 8.97
CA TYR A 210 -11.43 24.39 9.29
C TYR A 210 -11.75 25.21 10.53
N ASP A 211 -10.86 25.15 11.50
CA ASP A 211 -11.07 25.90 12.72
C ASP A 211 -11.40 27.31 12.34
N ILE A 212 -10.58 27.87 11.46
CA ILE A 212 -10.81 29.23 11.00
C ILE A 212 -12.20 29.38 10.41
N CYS A 213 -12.72 28.32 9.79
CA CYS A 213 -14.05 28.36 9.19
C CYS A 213 -15.16 28.19 10.22
N ARG A 214 -14.78 27.66 11.36
CA ARG A 214 -15.72 27.45 12.44
C ARG A 214 -15.65 28.64 13.41
N ARG A 215 -14.44 28.96 13.84
CA ARG A 215 -14.18 30.04 14.79
C ARG A 215 -14.07 31.44 14.25
N ASN A 216 -13.55 31.60 13.04
CA ASN A 216 -13.38 32.93 12.48
C ASN A 216 -14.16 33.19 11.21
N LEU A 217 -15.41 32.76 11.18
CA LEU A 217 -16.20 32.95 9.97
C LEU A 217 -17.53 32.28 10.20
N ASP A 218 -17.53 31.31 11.11
CA ASP A 218 -18.72 30.57 11.49
C ASP A 218 -19.43 29.89 10.32
N ILE A 219 -19.25 28.58 10.23
CA ILE A 219 -19.87 27.74 9.21
C ILE A 219 -19.44 26.30 9.42
N GLU A 220 -20.39 25.41 9.66
CA GLU A 220 -20.06 24.00 9.86
C GLU A 220 -20.27 23.31 8.52
N ARG A 221 -20.49 24.14 7.51
CA ARG A 221 -20.71 23.69 6.14
C ARG A 221 -19.53 24.16 5.25
N PRO A 222 -18.30 23.78 5.61
CA PRO A 222 -17.18 24.22 4.77
C PRO A 222 -16.87 23.18 3.70
N THR A 223 -17.18 23.50 2.45
CA THR A 223 -16.90 22.60 1.35
C THR A 223 -15.43 22.76 1.03
N TYR A 224 -14.82 21.73 0.46
CA TYR A 224 -13.43 21.80 0.08
C TYR A 224 -13.28 23.08 -0.71
N THR A 225 -14.30 23.36 -1.52
CA THR A 225 -14.32 24.55 -2.35
C THR A 225 -14.09 25.83 -1.55
N ASN A 226 -14.10 25.74 -0.22
CA ASN A 226 -13.87 26.91 0.58
C ASN A 226 -12.42 27.00 1.00
N LEU A 227 -11.93 25.95 1.64
CA LEU A 227 -10.55 25.93 2.07
C LEU A 227 -9.74 26.40 0.90
N ASN A 228 -10.17 25.99 -0.29
CA ASN A 228 -9.47 26.37 -1.51
C ASN A 228 -9.53 27.89 -1.74
N ARG A 229 -10.69 28.49 -1.44
CA ARG A 229 -10.88 29.93 -1.61
C ARG A 229 -9.96 30.65 -0.66
N LEU A 230 -9.71 30.00 0.46
CA LEU A 230 -8.85 30.58 1.47
C LEU A 230 -7.41 30.54 1.01
N ILE A 231 -6.84 29.35 0.87
CA ILE A 231 -5.46 29.30 0.41
C ILE A 231 -5.47 30.14 -0.85
N GLY A 232 -6.55 29.99 -1.61
CA GLY A 232 -6.73 30.72 -2.84
C GLY A 232 -6.55 32.20 -2.59
N GLN A 233 -6.59 32.58 -1.32
CA GLN A 233 -6.42 33.98 -0.90
C GLN A 233 -4.98 34.19 -0.48
N ILE A 234 -4.57 33.49 0.58
CA ILE A 234 -3.22 33.59 1.10
C ILE A 234 -2.20 33.50 -0.03
N VAL A 235 -2.49 32.65 -1.01
CA VAL A 235 -1.60 32.49 -2.15
C VAL A 235 -1.59 33.73 -3.01
N SER A 236 -2.76 34.34 -3.18
CA SER A 236 -2.86 35.52 -4.01
C SER A 236 -1.97 36.61 -3.47
N SER A 237 -1.74 36.56 -2.17
CA SER A 237 -0.90 37.53 -1.47
C SER A 237 0.58 37.27 -1.72
N ILE A 238 0.89 36.01 -2.01
CA ILE A 238 2.26 35.63 -2.28
C ILE A 238 2.61 36.16 -3.67
N THR A 239 2.32 35.37 -4.70
CA THR A 239 2.63 35.74 -6.08
C THR A 239 1.84 36.94 -6.57
N ALA A 240 0.66 36.66 -7.09
CA ALA A 240 -0.22 37.69 -7.66
C ALA A 240 0.23 39.13 -7.35
N SER A 241 -0.26 39.65 -6.24
CA SER A 241 -0.01 41.00 -5.77
C SER A 241 1.45 41.39 -5.55
N LEU A 242 2.25 40.46 -5.06
CA LEU A 242 3.64 40.78 -4.81
C LEU A 242 4.41 41.03 -6.09
N ARG A 243 4.26 40.14 -7.05
CA ARG A 243 4.90 40.28 -8.35
C ARG A 243 4.31 41.52 -9.00
N PHE A 244 3.36 42.12 -8.28
CA PHE A 244 2.64 43.33 -8.68
C PHE A 244 3.26 44.52 -7.92
N ASP A 245 3.55 45.60 -8.65
CA ASP A 245 4.13 46.83 -8.11
C ASP A 245 3.57 47.21 -6.75
N GLY A 246 4.32 47.99 -5.99
CA GLY A 246 3.86 48.40 -4.68
C GLY A 246 4.85 49.31 -4.00
N ALA A 247 4.56 49.68 -2.76
CA ALA A 247 5.43 50.58 -2.00
C ALA A 247 6.60 49.88 -1.33
N LEU A 248 6.61 48.55 -1.37
CA LEU A 248 7.70 47.78 -0.77
C LEU A 248 7.88 46.38 -1.38
N ASN A 249 7.81 46.30 -2.70
CA ASN A 249 7.94 45.05 -3.44
C ASN A 249 8.81 43.99 -2.80
N VAL A 250 8.44 42.73 -3.05
CA VAL A 250 9.14 41.56 -2.54
C VAL A 250 9.15 40.45 -3.60
N ASP A 251 10.30 40.24 -4.21
CA ASP A 251 10.50 39.25 -5.25
C ASP A 251 10.39 37.81 -4.66
N LEU A 252 10.25 36.80 -5.51
CA LEU A 252 10.16 35.44 -5.00
C LEU A 252 11.46 35.10 -4.33
N THR A 253 12.56 35.36 -5.01
CA THR A 253 13.86 35.08 -4.41
C THR A 253 13.78 35.65 -3.01
N GLU A 254 13.46 36.95 -2.91
CA GLU A 254 13.35 37.65 -1.63
C GLU A 254 12.94 36.69 -0.53
N PHE A 255 11.86 35.97 -0.75
CA PHE A 255 11.37 35.02 0.23
C PHE A 255 12.48 34.14 0.72
N GLN A 256 12.70 33.05 0.01
CA GLN A 256 13.73 32.11 0.39
C GLN A 256 14.91 32.78 1.08
N THR A 257 15.33 33.95 0.57
CA THR A 257 16.45 34.65 1.20
C THR A 257 16.08 35.12 2.59
N ASN A 258 15.07 35.98 2.68
CA ASN A 258 14.63 36.51 3.95
C ASN A 258 13.86 35.50 4.78
N LEU A 259 13.54 34.34 4.18
CA LEU A 259 12.75 33.31 4.87
C LEU A 259 13.37 31.98 5.28
N VAL A 260 14.46 31.57 4.62
CA VAL A 260 15.07 30.31 5.03
C VAL A 260 16.44 30.55 5.63
N PRO A 261 16.65 30.11 6.87
CA PRO A 261 17.94 30.32 7.49
C PRO A 261 18.85 29.21 7.06
N TYR A 262 18.26 28.08 6.69
CA TYR A 262 19.09 26.92 6.30
C TYR A 262 18.57 26.06 5.16
N PRO A 263 19.49 25.62 4.28
CA PRO A 263 19.25 24.78 3.11
C PRO A 263 18.08 23.82 3.16
N ARG A 264 17.75 23.29 4.32
CA ARG A 264 16.61 22.37 4.35
C ARG A 264 15.52 23.23 3.71
N GLY A 265 14.86 22.68 2.68
CA GLY A 265 13.81 23.40 1.96
C GLY A 265 12.76 24.01 2.86
N HIS A 266 13.22 24.40 4.05
CA HIS A 266 12.42 24.97 5.11
C HIS A 266 11.02 25.36 4.74
N PHE A 267 10.14 25.01 5.66
CA PHE A 267 8.74 25.19 5.47
C PHE A 267 8.09 26.23 6.36
N PRO A 268 7.84 27.43 5.82
CA PRO A 268 7.18 28.41 6.68
C PRO A 268 5.67 28.08 6.69
N LEU A 269 4.88 28.86 7.44
CA LEU A 269 3.43 28.65 7.55
C LEU A 269 2.68 29.85 6.99
N ALA A 270 1.55 29.63 6.33
CA ALA A 270 0.79 30.75 5.79
C ALA A 270 -0.27 31.20 6.76
N THR A 271 -0.48 32.51 6.85
CA THR A 271 -1.46 33.08 7.77
C THR A 271 -2.10 34.29 7.10
N TYR A 272 -3.37 34.52 7.36
CA TYR A 272 -4.01 35.67 6.76
C TYR A 272 -4.65 36.46 7.88
N ALA A 273 -4.80 37.79 7.71
CA ALA A 273 -5.38 38.53 8.81
C ALA A 273 -6.88 38.79 8.79
N PRO A 274 -7.36 39.66 7.88
CA PRO A 274 -8.82 39.88 7.90
C PRO A 274 -9.62 38.70 7.41
N VAL A 275 -9.74 37.69 8.26
CA VAL A 275 -10.49 36.50 7.92
C VAL A 275 -11.83 36.67 8.59
N ILE A 276 -12.45 37.82 8.39
CA ILE A 276 -13.75 38.07 8.99
C ILE A 276 -14.87 37.67 8.03
N SER A 277 -16.03 37.32 8.59
CA SER A 277 -17.18 36.89 7.83
C SER A 277 -17.97 37.97 7.12
N ALA A 278 -18.26 37.79 5.83
CA ALA A 278 -19.00 38.80 5.10
C ALA A 278 -20.50 38.69 5.28
N GLU A 279 -20.93 38.65 6.52
CA GLU A 279 -22.35 38.56 6.82
C GLU A 279 -22.58 38.83 8.27
N LYS A 280 -21.99 37.97 9.09
CA LYS A 280 -22.14 38.06 10.53
C LYS A 280 -21.71 39.40 11.07
N ALA A 281 -20.57 39.37 11.75
CA ALA A 281 -19.99 40.54 12.36
C ALA A 281 -19.51 41.54 11.33
N TYR A 282 -19.33 42.77 11.78
CA TYR A 282 -18.82 43.81 10.92
C TYR A 282 -18.16 44.94 11.61
N HIS A 283 -16.86 44.76 11.78
CA HIS A 283 -16.04 45.77 12.39
C HIS A 283 -15.00 46.02 11.30
N GLU A 284 -15.13 45.30 10.18
CA GLU A 284 -14.22 45.42 9.02
C GLU A 284 -13.10 46.43 9.26
N GLN A 285 -13.43 47.73 9.29
CA GLN A 285 -12.47 48.81 9.52
C GLN A 285 -11.63 48.48 10.74
N LEU A 286 -10.64 47.64 10.51
CA LEU A 286 -9.78 47.18 11.57
C LEU A 286 -8.33 47.61 11.28
N SER A 287 -8.05 48.89 11.45
CA SER A 287 -6.73 49.43 11.15
C SER A 287 -5.60 48.45 11.40
N VAL A 288 -4.55 48.63 10.61
CA VAL A 288 -3.35 47.81 10.66
C VAL A 288 -3.11 47.28 12.07
N ALA A 289 -2.84 48.22 12.97
CA ALA A 289 -2.57 47.91 14.36
C ALA A 289 -3.33 46.68 14.84
N GLU A 290 -4.48 46.38 14.22
CA GLU A 290 -5.27 45.22 14.61
C GLU A 290 -4.99 43.98 13.81
N ILE A 291 -5.13 44.09 12.49
CA ILE A 291 -4.92 42.95 11.58
C ILE A 291 -3.54 42.27 11.72
N THR A 292 -2.56 42.99 12.23
CA THR A 292 -1.23 42.43 12.40
C THR A 292 -1.14 41.64 13.67
N ASN A 293 -1.89 42.05 14.66
CA ASN A 293 -1.85 41.36 15.92
C ASN A 293 -2.62 40.05 15.73
N ALA A 294 -3.57 40.10 14.80
CA ALA A 294 -4.43 38.96 14.51
C ALA A 294 -3.73 37.86 13.74
N CYS A 295 -2.45 38.05 13.47
CA CYS A 295 -1.71 37.06 12.74
C CYS A 295 -1.00 36.14 13.68
N PHE A 296 -0.49 36.68 14.78
CA PHE A 296 0.24 35.86 15.74
C PHE A 296 -0.59 35.06 16.73
N GLU A 297 -1.89 35.38 16.85
CA GLU A 297 -2.71 34.57 17.73
C GLU A 297 -2.80 33.28 16.95
N PRO A 298 -2.45 32.16 17.59
CA PRO A 298 -2.47 30.85 16.95
C PRO A 298 -3.78 30.38 16.28
N ALA A 299 -4.91 30.99 16.63
CA ALA A 299 -6.16 30.56 16.04
C ALA A 299 -6.43 31.26 14.74
N ASN A 300 -5.44 31.36 13.87
CA ASN A 300 -5.69 32.03 12.61
C ASN A 300 -4.54 31.80 11.66
N GLN A 301 -3.97 30.61 11.68
CA GLN A 301 -2.82 30.40 10.85
C GLN A 301 -2.76 29.27 9.84
N MET A 302 -3.91 28.77 9.44
CA MET A 302 -3.90 27.71 8.45
C MET A 302 -2.84 26.63 8.72
N VAL A 303 -2.70 26.25 9.99
CA VAL A 303 -1.75 25.21 10.37
C VAL A 303 -1.86 24.87 11.85
N LYS A 304 -2.09 23.59 12.13
CA LYS A 304 -2.24 23.09 13.49
C LYS A 304 -0.88 22.99 14.16
N CYS A 305 -0.11 24.08 14.06
CA CYS A 305 1.22 24.11 14.66
C CYS A 305 1.28 25.23 15.67
N ASP A 306 0.16 25.44 16.36
CA ASP A 306 0.04 26.47 17.39
C ASP A 306 1.43 26.75 17.97
N PRO A 307 1.87 28.02 18.01
CA PRO A 307 3.20 28.34 18.55
C PRO A 307 3.36 27.87 19.99
N ARG A 308 3.21 26.56 20.13
CA ARG A 308 3.30 25.84 21.40
C ARG A 308 4.66 26.02 22.06
N HIS A 309 5.60 26.61 21.32
CA HIS A 309 6.95 26.86 21.82
C HIS A 309 7.82 27.34 20.67
N GLY A 310 7.45 26.90 19.47
CA GLY A 310 8.20 27.27 18.29
C GLY A 310 8.49 28.74 18.15
N LYS A 311 9.76 29.08 18.30
CA LYS A 311 10.19 30.47 18.19
C LYS A 311 10.24 30.82 16.72
N TYR A 312 9.64 31.95 16.37
CA TYR A 312 9.68 32.37 14.98
C TYR A 312 11.16 32.62 14.72
N MET A 313 11.56 32.60 13.45
CA MET A 313 12.94 32.85 13.10
C MET A 313 13.00 33.73 11.86
N ALA A 314 11.84 34.13 11.39
CA ALA A 314 11.75 34.98 10.21
C ALA A 314 10.31 34.99 9.71
N CYS A 315 9.76 36.19 9.58
CA CYS A 315 8.39 36.35 9.12
C CYS A 315 8.39 37.35 7.98
N CYS A 316 7.57 37.09 6.97
CA CYS A 316 7.47 37.96 5.81
C CYS A 316 6.09 38.56 5.79
N LEU A 317 5.92 39.66 6.51
CA LEU A 317 4.61 40.27 6.56
C LEU A 317 4.21 40.96 5.29
N LEU A 318 3.47 40.25 4.46
CA LEU A 318 2.99 40.83 3.21
C LEU A 318 1.67 41.52 3.45
N TYR A 319 1.67 42.84 3.30
CA TYR A 319 0.48 43.64 3.47
C TYR A 319 0.00 44.03 2.10
N ARG A 320 -1.27 44.39 2.00
CA ARG A 320 -1.84 44.80 0.74
C ARG A 320 -3.01 45.73 1.07
N GLY A 321 -3.21 46.75 0.25
CA GLY A 321 -4.29 47.68 0.50
C GLY A 321 -3.75 48.98 1.06
N ASP A 322 -4.60 49.76 1.71
CA ASP A 322 -4.18 51.04 2.28
C ASP A 322 -3.43 50.90 3.59
N VAL A 323 -2.10 50.96 3.51
CA VAL A 323 -1.23 50.82 4.66
C VAL A 323 -0.07 51.82 4.68
N VAL A 324 0.04 52.58 5.78
CA VAL A 324 1.09 53.57 5.96
C VAL A 324 2.30 52.88 6.56
N PRO A 325 3.42 52.92 5.85
CA PRO A 325 4.67 52.29 6.30
C PRO A 325 5.02 52.52 7.77
N LYS A 326 4.60 53.65 8.32
CA LYS A 326 4.88 53.93 9.73
C LYS A 326 3.95 53.06 10.54
N ASP A 327 2.71 52.96 10.09
CA ASP A 327 1.72 52.14 10.77
C ASP A 327 2.33 50.78 10.98
N VAL A 328 3.02 50.29 9.96
CA VAL A 328 3.67 48.98 10.01
C VAL A 328 4.92 49.08 10.86
N ASN A 329 5.82 49.98 10.46
CA ASN A 329 7.07 50.20 11.19
C ASN A 329 6.70 50.83 12.52
N ALA A 330 5.78 50.17 13.22
CA ALA A 330 5.29 50.58 14.53
C ALA A 330 4.45 49.43 15.08
N ALA A 331 3.52 48.98 14.25
CA ALA A 331 2.67 47.86 14.62
C ALA A 331 3.57 46.66 14.83
N ILE A 332 4.65 46.61 14.06
CA ILE A 332 5.61 45.53 14.16
C ILE A 332 6.52 45.79 15.35
N ALA A 333 6.85 47.07 15.57
CA ALA A 333 7.71 47.46 16.69
C ALA A 333 7.04 47.01 17.97
N THR A 334 5.75 47.32 18.10
CA THR A 334 4.99 46.94 19.28
C THR A 334 5.12 45.43 19.50
N ILE A 335 5.05 44.68 18.41
CA ILE A 335 5.16 43.24 18.47
C ILE A 335 6.57 42.83 18.93
N LYS A 336 7.58 43.32 18.22
CA LYS A 336 8.96 42.99 18.57
C LYS A 336 9.23 43.06 20.06
N THR A 337 8.35 43.75 20.78
CA THR A 337 8.53 43.92 22.22
C THR A 337 7.41 43.32 23.06
N LYS A 338 6.78 42.27 22.57
CA LYS A 338 5.70 41.60 23.30
C LYS A 338 6.32 40.40 24.03
N ARG A 339 7.55 40.08 23.62
CA ARG A 339 8.34 38.99 24.20
C ARG A 339 7.66 37.62 24.26
N THR A 340 6.40 37.59 24.64
CA THR A 340 5.67 36.34 24.71
C THR A 340 5.58 35.77 23.30
N ILE A 341 6.16 36.52 22.34
CA ILE A 341 6.19 36.13 20.94
C ILE A 341 7.62 35.71 20.58
N GLN A 342 8.44 35.54 21.61
CA GLN A 342 9.84 35.13 21.51
C GLN A 342 10.36 34.68 20.13
N PHE A 343 11.25 35.48 19.56
CA PHE A 343 11.90 35.18 18.27
C PHE A 343 13.21 34.48 18.56
N VAL A 344 13.76 33.80 17.58
CA VAL A 344 15.01 33.10 17.83
C VAL A 344 16.07 34.05 18.36
N ASP A 345 17.13 33.47 18.92
CA ASP A 345 18.25 34.21 19.47
C ASP A 345 19.08 34.82 18.36
N TRP A 346 19.75 33.92 17.63
CA TRP A 346 20.63 34.30 16.54
C TRP A 346 19.96 35.18 15.51
N CYS A 347 18.79 35.68 15.85
CA CYS A 347 18.10 36.52 14.92
C CYS A 347 17.65 37.81 15.57
N PRO A 348 18.35 38.90 15.27
CA PRO A 348 18.03 40.23 15.81
C PRO A 348 16.66 40.62 15.37
N THR A 349 16.59 40.90 14.09
CA THR A 349 15.35 41.31 13.41
C THR A 349 15.06 40.33 12.27
N GLY A 350 13.87 39.78 12.33
CA GLY A 350 13.38 38.83 11.32
C GLY A 350 11.95 39.19 10.93
N PHE A 351 11.86 40.34 10.29
CA PHE A 351 10.56 40.88 9.83
C PHE A 351 10.69 41.58 8.48
N LYS A 352 10.36 40.81 7.46
CA LYS A 352 10.37 41.30 6.08
C LYS A 352 9.00 41.91 5.78
N VAL A 353 8.97 43.23 5.79
CA VAL A 353 7.74 44.00 5.55
C VAL A 353 7.53 44.21 4.05
N GLY A 354 6.53 43.51 3.56
CA GLY A 354 6.13 43.57 2.14
C GLY A 354 4.81 44.32 2.03
N ILE A 355 4.89 45.46 1.37
CA ILE A 355 3.73 46.33 1.17
C ILE A 355 3.35 46.41 -0.31
N ASN A 356 2.09 46.10 -0.54
CA ASN A 356 1.47 46.17 -1.87
C ASN A 356 0.43 47.28 -1.81
N TYR A 357 -0.12 47.61 -2.97
CA TYR A 357 -1.11 48.69 -3.03
C TYR A 357 -2.53 48.15 -3.05
N GLU A 358 -2.92 47.63 -4.20
CA GLU A 358 -4.26 47.08 -4.41
C GLU A 358 -4.74 46.24 -3.23
N PRO A 359 -5.86 46.60 -2.58
CA PRO A 359 -6.39 45.84 -1.48
C PRO A 359 -6.73 44.43 -1.92
N PRO A 360 -7.10 43.50 -1.02
CA PRO A 360 -7.46 42.12 -1.41
C PRO A 360 -8.66 42.14 -2.36
N THR A 361 -9.07 40.95 -2.79
CA THR A 361 -10.21 40.84 -3.69
C THR A 361 -10.97 39.56 -3.39
N VAL A 362 -12.05 39.73 -2.64
CA VAL A 362 -12.89 38.63 -2.20
C VAL A 362 -13.89 38.17 -3.25
N VAL A 363 -14.15 36.87 -3.23
CA VAL A 363 -15.12 36.27 -4.13
C VAL A 363 -16.40 37.07 -4.00
N PRO A 364 -17.04 37.39 -5.13
CA PRO A 364 -18.28 38.17 -5.19
C PRO A 364 -19.27 37.84 -4.08
N GLY A 365 -19.46 36.55 -3.81
CA GLY A 365 -20.40 36.16 -2.80
C GLY A 365 -20.14 34.84 -2.10
N GLY A 366 -18.87 34.62 -1.73
CA GLY A 366 -18.54 33.39 -1.03
C GLY A 366 -18.91 33.56 0.43
N ASP A 367 -17.92 33.85 1.27
CA ASP A 367 -18.13 34.07 2.69
C ASP A 367 -17.01 34.87 3.31
N LEU A 368 -16.13 35.40 2.45
CA LEU A 368 -15.00 36.21 2.91
C LEU A 368 -15.45 37.65 3.04
N ALA A 369 -15.22 38.23 4.22
CA ALA A 369 -15.59 39.60 4.54
C ALA A 369 -15.50 40.58 3.37
N LYS A 370 -14.26 40.98 3.08
CA LYS A 370 -13.88 41.95 2.04
C LYS A 370 -13.51 43.27 2.70
N VAL A 371 -12.29 43.31 3.20
CA VAL A 371 -11.72 44.45 3.88
C VAL A 371 -10.93 45.27 2.87
N GLN A 372 -10.33 46.35 3.34
CA GLN A 372 -9.51 47.21 2.48
C GLN A 372 -8.07 47.18 2.95
N ARG A 373 -7.63 46.00 3.35
CA ARG A 373 -6.27 45.79 3.81
C ARG A 373 -6.20 44.44 4.50
N ALA A 374 -5.10 43.72 4.29
CA ALA A 374 -4.90 42.40 4.86
C ALA A 374 -3.43 42.12 5.09
N VAL A 375 -3.16 41.10 5.89
CA VAL A 375 -1.81 40.67 6.24
C VAL A 375 -1.59 39.19 6.07
N CYS A 376 -0.95 38.81 4.97
CA CYS A 376 -0.64 37.41 4.69
C CYS A 376 0.79 37.20 5.16
N MET A 377 0.92 36.89 6.44
CA MET A 377 2.22 36.69 7.03
C MET A 377 2.53 35.22 7.04
N LEU A 378 3.72 34.90 6.56
CA LEU A 378 4.18 33.53 6.53
C LEU A 378 5.46 33.53 7.30
N SER A 379 5.87 32.37 7.80
CA SER A 379 7.10 32.31 8.59
C SER A 379 7.61 30.93 8.91
N ASN A 380 8.86 30.89 9.32
CA ASN A 380 9.51 29.65 9.72
C ASN A 380 9.44 29.73 11.24
N THR A 381 8.84 28.71 11.85
CA THR A 381 8.69 28.67 13.29
C THR A 381 9.21 27.36 13.80
N THR A 382 10.01 27.41 14.85
CA THR A 382 10.56 26.22 15.47
C THR A 382 9.37 25.35 15.90
N ALA A 383 8.18 25.84 15.60
CA ALA A 383 6.97 25.16 15.97
C ALA A 383 6.79 23.88 15.23
N ILE A 384 7.02 23.87 13.92
CA ILE A 384 6.83 22.65 13.17
C ILE A 384 7.62 21.49 13.75
N ALA A 385 8.53 21.78 14.69
CA ALA A 385 9.30 20.73 15.35
C ALA A 385 8.23 19.74 15.76
N GLU A 386 7.07 20.29 16.12
CA GLU A 386 5.92 19.49 16.50
C GLU A 386 5.42 18.79 15.26
N ALA A 387 4.51 19.46 14.55
CA ALA A 387 3.90 18.95 13.33
C ALA A 387 4.66 17.84 12.60
N TRP A 388 5.98 17.98 12.49
CA TRP A 388 6.78 16.95 11.82
C TRP A 388 6.83 15.76 12.76
N ALA A 389 7.16 16.03 14.01
CA ALA A 389 7.23 14.99 15.03
C ALA A 389 5.97 14.13 14.95
N ARG A 390 4.85 14.72 15.33
CA ARG A 390 3.55 14.06 15.31
C ARG A 390 3.21 13.31 14.02
N LEU A 391 3.88 13.67 12.92
CA LEU A 391 3.59 13.03 11.65
C LEU A 391 4.56 11.92 11.39
N ASP A 392 5.71 12.03 12.03
CA ASP A 392 6.76 11.05 11.88
C ASP A 392 6.36 9.85 12.70
N HIS A 393 6.02 10.10 13.96
CA HIS A 393 5.58 9.08 14.90
C HIS A 393 4.56 8.21 14.19
N LYS A 394 3.52 8.83 13.65
CA LYS A 394 2.47 8.13 12.89
C LYS A 394 3.12 7.01 12.09
N PHE A 395 3.94 7.43 11.13
CA PHE A 395 4.68 6.57 10.23
C PHE A 395 5.20 5.32 10.91
N ASP A 396 6.06 5.51 11.90
CA ASP A 396 6.63 4.39 12.64
C ASP A 396 5.60 3.37 13.02
N LEU A 397 4.62 3.79 13.78
CA LEU A 397 3.59 2.88 14.21
C LEU A 397 3.24 1.88 13.15
N MET A 398 2.96 2.35 11.94
CA MET A 398 2.60 1.46 10.84
C MET A 398 3.78 0.70 10.27
N TYR A 399 4.86 1.42 9.99
CA TYR A 399 6.05 0.79 9.46
C TYR A 399 6.45 -0.30 10.44
N ALA A 400 6.33 0.00 11.72
CA ALA A 400 6.67 -0.92 12.77
C ALA A 400 6.02 -2.28 12.53
N LYS A 401 4.99 -2.30 11.69
CA LYS A 401 4.26 -3.53 11.37
C LYS A 401 4.17 -3.75 9.87
N ARG A 402 4.86 -2.89 9.14
CA ARG A 402 4.89 -2.95 7.70
C ARG A 402 3.55 -2.57 7.08
N ALA A 403 2.51 -2.53 7.90
CA ALA A 403 1.19 -2.21 7.42
C ALA A 403 1.13 -2.29 5.90
N PHE A 404 0.70 -1.23 5.24
CA PHE A 404 0.56 -1.24 3.79
C PHE A 404 1.87 -1.16 3.05
N VAL A 405 2.87 -1.89 3.52
CA VAL A 405 4.15 -1.83 2.84
C VAL A 405 4.09 -2.60 1.53
N HIS A 406 3.51 -3.78 1.54
CA HIS A 406 3.48 -4.56 0.32
C HIS A 406 2.92 -3.80 -0.86
N TRP A 407 2.29 -2.67 -0.60
CA TRP A 407 1.69 -1.89 -1.65
C TRP A 407 2.69 -1.06 -2.37
N TYR A 408 3.80 -0.77 -1.72
CA TYR A 408 4.83 0.05 -2.36
C TYR A 408 5.90 -0.84 -2.94
N VAL A 409 6.37 -1.78 -2.14
CA VAL A 409 7.40 -2.70 -2.58
C VAL A 409 7.02 -3.20 -3.96
N GLY A 410 5.82 -3.73 -4.04
CA GLY A 410 5.33 -4.25 -5.30
C GLY A 410 5.19 -3.14 -6.33
N GLU A 411 5.74 -1.98 -6.01
CA GLU A 411 5.65 -0.85 -6.91
C GLU A 411 7.01 -0.20 -7.11
N GLY A 412 8.06 -0.99 -7.03
CA GLY A 412 9.40 -0.46 -7.25
C GLY A 412 9.92 0.48 -6.18
N MET A 413 10.01 -0.05 -4.97
CA MET A 413 10.51 0.66 -3.80
C MET A 413 11.16 -0.44 -2.99
N GLU A 414 11.66 -0.11 -1.81
CA GLU A 414 12.32 -1.14 -1.03
C GLU A 414 12.31 -0.79 0.43
N GLU A 415 12.78 -1.72 1.27
CA GLU A 415 12.85 -1.45 2.70
C GLU A 415 13.78 -0.25 2.85
N GLY A 416 14.56 -0.01 1.80
CA GLY A 416 15.48 1.10 1.82
C GLY A 416 14.73 2.40 1.88
N GLU A 417 14.16 2.81 0.75
CA GLU A 417 13.44 4.06 0.67
C GLU A 417 12.61 4.43 1.88
N PHE A 418 11.99 3.46 2.54
CA PHE A 418 11.21 3.80 3.73
C PHE A 418 12.18 4.10 4.86
N SER A 419 12.81 3.05 5.39
CA SER A 419 13.76 3.20 6.47
C SER A 419 14.75 4.31 6.25
N GLU A 420 15.17 4.50 5.02
CA GLU A 420 16.16 5.53 4.74
C GLU A 420 15.58 6.93 4.54
N ALA A 421 14.25 7.03 4.56
CA ALA A 421 13.57 8.33 4.42
C ALA A 421 13.02 8.69 5.78
N ARG A 422 13.06 7.72 6.66
CA ARG A 422 12.62 7.88 8.02
C ARG A 422 13.82 8.55 8.68
N GLU A 423 14.99 7.91 8.55
CA GLU A 423 16.22 8.45 9.10
C GLU A 423 16.32 9.89 8.62
N ASP A 424 15.91 10.11 7.37
CA ASP A 424 15.95 11.42 6.75
C ASP A 424 15.28 12.44 7.66
N MET A 425 13.96 12.33 7.77
CA MET A 425 13.22 13.25 8.61
C MET A 425 13.74 13.30 10.02
N ALA A 426 14.25 12.17 10.52
CA ALA A 426 14.79 12.16 11.89
C ALA A 426 15.66 13.40 12.08
N ALA A 427 16.57 13.63 11.15
CA ALA A 427 17.48 14.79 11.19
C ALA A 427 16.78 16.08 10.78
N LEU A 428 15.45 16.03 10.78
CA LEU A 428 14.65 17.20 10.45
C LEU A 428 13.95 17.56 11.74
N GLU A 429 13.95 16.59 12.66
CA GLU A 429 13.37 16.74 13.99
C GLU A 429 14.48 17.29 14.87
N LYS A 430 15.73 16.99 14.49
CA LYS A 430 16.89 17.47 15.23
C LYS A 430 17.25 18.83 14.69
N ASP A 431 17.09 18.99 13.38
CA ASP A 431 17.40 20.25 12.73
C ASP A 431 16.51 21.35 13.28
N TYR A 432 15.21 21.18 13.14
CA TYR A 432 14.24 22.17 13.63
C TYR A 432 14.31 22.34 15.13
N GLU A 433 15.13 21.52 15.77
CA GLU A 433 15.32 21.56 17.22
C GLU A 433 16.58 22.37 17.53
N GLU A 434 17.65 22.07 16.82
CA GLU A 434 18.91 22.75 17.02
C GLU A 434 18.89 24.22 16.62
N VAL A 435 18.32 24.52 15.44
CA VAL A 435 18.26 25.90 14.97
C VAL A 435 17.47 26.76 15.93
N GLY A 436 16.98 26.16 17.01
CA GLY A 436 16.23 26.89 17.99
C GLY A 436 16.36 26.24 19.35
N VAL A 437 15.52 26.66 20.30
CA VAL A 437 15.53 26.11 21.66
C VAL A 437 16.88 26.28 22.33
N ASP A 438 17.90 26.65 21.55
CA ASP A 438 19.26 26.82 22.07
C ASP A 438 19.87 28.18 21.72
N SER A 439 20.76 28.66 22.57
CA SER A 439 21.40 29.96 22.34
C SER A 439 22.93 29.88 22.35
N ARG B 2 -10.22 4.89 -16.04
CA ARG B 2 -10.00 3.58 -15.35
C ARG B 2 -11.14 2.64 -15.70
N GLU B 3 -11.04 1.38 -15.26
CA GLU B 3 -12.07 0.37 -15.54
C GLU B 3 -12.09 -0.82 -14.56
N ILE B 4 -13.07 -1.69 -14.74
CA ILE B 4 -13.25 -2.91 -13.94
C ILE B 4 -14.12 -3.87 -14.76
N VAL B 5 -14.07 -5.16 -14.42
CA VAL B 5 -14.92 -6.14 -15.12
C VAL B 5 -15.55 -7.13 -14.12
N HIS B 6 -16.83 -6.88 -13.85
CA HIS B 6 -17.62 -7.67 -12.92
C HIS B 6 -17.57 -9.14 -13.27
N ILE B 7 -17.78 -9.98 -12.25
CA ILE B 7 -17.78 -11.44 -12.45
C ILE B 7 -18.88 -12.11 -11.60
N GLN B 8 -19.92 -12.62 -12.29
CA GLN B 8 -21.07 -13.30 -11.66
C GLN B 8 -20.90 -14.81 -11.50
N ALA B 9 -20.02 -15.23 -10.59
CA ALA B 9 -19.78 -16.65 -10.36
C ALA B 9 -20.90 -17.39 -9.62
N GLY B 10 -21.32 -18.52 -10.17
CA GLY B 10 -22.37 -19.29 -9.54
C GLY B 10 -23.76 -18.72 -9.75
N GLN B 11 -24.75 -19.26 -9.06
CA GLN B 11 -26.12 -18.77 -9.18
C GLN B 11 -26.24 -17.51 -8.36
N CYS B 12 -25.99 -17.64 -7.06
CA CYS B 12 -26.09 -16.49 -6.18
C CYS B 12 -25.37 -15.33 -6.81
N GLY B 13 -24.05 -15.44 -6.87
CA GLY B 13 -23.25 -14.38 -7.46
C GLY B 13 -23.92 -13.88 -8.71
N ASN B 14 -24.64 -14.78 -9.36
CA ASN B 14 -25.34 -14.44 -10.58
C ASN B 14 -26.64 -13.68 -10.25
N GLN B 15 -27.50 -14.31 -9.46
CA GLN B 15 -28.77 -13.70 -9.06
C GLN B 15 -28.50 -12.25 -8.69
N ILE B 16 -27.47 -12.05 -7.88
CA ILE B 16 -27.04 -10.72 -7.43
C ILE B 16 -26.59 -9.86 -8.61
N GLY B 17 -25.96 -10.48 -9.60
CA GLY B 17 -25.52 -9.74 -10.76
C GLY B 17 -26.72 -8.97 -11.26
N ALA B 18 -27.84 -9.67 -11.41
CA ALA B 18 -29.04 -9.05 -11.89
C ALA B 18 -29.43 -7.86 -11.05
N LYS B 19 -29.17 -7.92 -9.74
CA LYS B 19 -29.54 -6.81 -8.87
C LYS B 19 -28.46 -5.74 -8.89
N PHE B 20 -27.20 -6.15 -8.97
CA PHE B 20 -26.13 -5.17 -9.00
C PHE B 20 -26.22 -4.37 -10.28
N TRP B 21 -26.65 -5.02 -11.35
CA TRP B 21 -26.76 -4.33 -12.61
C TRP B 21 -28.10 -3.66 -12.74
N GLU B 22 -29.09 -4.19 -12.05
CA GLU B 22 -30.41 -3.59 -12.06
C GLU B 22 -30.16 -2.17 -11.58
N VAL B 23 -29.55 -2.07 -10.41
CA VAL B 23 -29.22 -0.79 -9.79
C VAL B 23 -28.31 0.04 -10.67
N ILE B 24 -27.02 -0.20 -10.50
CA ILE B 24 -25.97 0.47 -11.23
C ILE B 24 -26.41 1.13 -12.53
N SER B 25 -27.17 0.40 -13.34
CA SER B 25 -27.64 0.95 -14.61
C SER B 25 -28.43 2.23 -14.39
N ASP B 26 -29.46 2.15 -13.56
CA ASP B 26 -30.31 3.29 -13.22
C ASP B 26 -29.45 4.41 -12.63
N GLU B 27 -28.36 4.01 -11.97
CA GLU B 27 -27.41 4.93 -11.38
C GLU B 27 -26.44 5.33 -12.50
N HIS B 28 -26.89 5.13 -13.73
CA HIS B 28 -26.11 5.44 -14.90
C HIS B 28 -27.02 5.54 -16.12
N GLY B 29 -28.32 5.69 -15.87
CA GLY B 29 -29.31 5.83 -16.94
C GLY B 29 -29.25 4.91 -18.15
N ILE B 30 -28.96 3.65 -17.92
CA ILE B 30 -28.88 2.68 -19.00
C ILE B 30 -30.06 1.72 -18.95
N ASP B 31 -31.00 1.91 -19.88
CA ASP B 31 -32.20 1.08 -19.98
C ASP B 31 -31.81 -0.27 -20.57
N PRO B 32 -32.62 -1.31 -20.33
CA PRO B 32 -32.34 -2.65 -20.84
C PRO B 32 -31.27 -2.67 -21.93
N THR B 33 -31.66 -2.42 -23.17
CA THR B 33 -30.69 -2.39 -24.26
C THR B 33 -30.48 -0.92 -24.65
N GLY B 34 -31.36 -0.06 -24.14
CA GLY B 34 -31.28 1.36 -24.41
C GLY B 34 -29.90 1.93 -24.10
N SER B 35 -29.79 3.25 -24.15
CA SER B 35 -28.52 3.90 -23.89
C SER B 35 -28.54 4.69 -22.60
N TYR B 36 -27.96 5.88 -22.68
CA TYR B 36 -27.87 6.77 -21.54
C TYR B 36 -28.99 7.81 -21.53
N HIS B 37 -30.05 7.52 -20.76
CA HIS B 37 -31.18 8.43 -20.61
C HIS B 37 -30.87 9.39 -19.47
N GLY B 38 -29.75 9.10 -18.81
CA GLY B 38 -29.26 9.88 -17.68
C GLY B 38 -29.92 11.22 -17.42
N ASP B 39 -30.58 11.32 -16.27
CA ASP B 39 -31.24 12.55 -15.88
C ASP B 39 -30.22 13.68 -15.95
N SER B 40 -28.95 13.33 -15.74
CA SER B 40 -27.87 14.31 -15.79
C SER B 40 -26.92 14.05 -16.95
N ASP B 41 -25.71 14.61 -16.84
CA ASP B 41 -24.69 14.48 -17.87
C ASP B 41 -23.42 13.91 -17.25
N LEU B 42 -23.40 13.85 -15.93
CA LEU B 42 -22.25 13.36 -15.17
C LEU B 42 -22.23 11.84 -15.03
N GLN B 43 -23.39 11.21 -15.15
CA GLN B 43 -23.49 9.76 -15.04
C GLN B 43 -23.00 9.09 -16.32
N LEU B 44 -22.15 9.78 -17.06
CA LEU B 44 -21.67 9.26 -18.33
C LEU B 44 -20.16 9.42 -18.59
N GLU B 45 -19.58 10.50 -18.09
CA GLU B 45 -18.18 10.76 -18.29
C GLU B 45 -17.26 9.69 -17.71
N ARG B 46 -17.81 8.83 -16.86
CA ARG B 46 -17.00 7.80 -16.23
C ARG B 46 -17.58 6.39 -16.36
N ILE B 47 -18.71 6.24 -17.06
CA ILE B 47 -19.33 4.92 -17.21
C ILE B 47 -18.35 3.83 -17.58
N ASN B 48 -17.56 4.08 -18.62
CA ASN B 48 -16.57 3.13 -19.13
C ASN B 48 -16.23 2.07 -18.09
N VAL B 49 -15.97 2.51 -16.86
CA VAL B 49 -15.64 1.59 -15.77
C VAL B 49 -16.43 0.28 -15.81
N TYR B 50 -17.65 0.30 -16.35
CA TYR B 50 -18.49 -0.89 -16.40
C TYR B 50 -19.12 -1.25 -17.75
N TYR B 51 -18.85 -0.48 -18.80
CA TYR B 51 -19.45 -0.78 -20.10
C TYR B 51 -18.50 -0.74 -21.28
N ASN B 52 -19.06 -0.85 -22.48
CA ASN B 52 -18.27 -0.80 -23.71
C ASN B 52 -19.05 -0.15 -24.85
N GLU B 53 -18.33 0.60 -25.70
CA GLU B 53 -18.93 1.29 -26.83
C GLU B 53 -18.93 0.45 -28.11
N ALA B 54 -20.11 0.16 -28.64
CA ALA B 54 -20.24 -0.61 -29.87
C ALA B 54 -21.17 0.12 -30.83
N ALA B 55 -22.47 0.08 -30.52
CA ALA B 55 -23.46 0.75 -31.35
C ALA B 55 -23.38 2.26 -31.17
N GLY B 56 -24.04 2.77 -30.13
CA GLY B 56 -24.05 4.19 -29.85
C GLY B 56 -25.17 4.50 -28.89
N ASN B 57 -25.88 3.44 -28.53
CA ASN B 57 -27.02 3.47 -27.62
C ASN B 57 -26.94 2.20 -26.80
N LYS B 58 -25.98 1.36 -27.17
CA LYS B 58 -25.80 0.08 -26.50
C LYS B 58 -24.46 -0.01 -25.75
N TYR B 59 -24.48 0.43 -24.50
CA TYR B 59 -23.31 0.36 -23.64
C TYR B 59 -23.58 -0.93 -22.88
N VAL B 60 -22.86 -1.99 -23.24
CA VAL B 60 -23.07 -3.28 -22.60
C VAL B 60 -22.23 -3.56 -21.37
N PRO B 61 -22.88 -3.98 -20.29
CA PRO B 61 -22.16 -4.29 -19.05
C PRO B 61 -21.01 -5.24 -19.35
N ARG B 62 -19.85 -4.91 -18.81
CA ARG B 62 -18.65 -5.70 -19.00
C ARG B 62 -18.41 -6.60 -17.81
N ALA B 63 -19.25 -7.61 -17.69
CA ALA B 63 -19.16 -8.59 -16.61
C ALA B 63 -19.08 -9.98 -17.19
N ILE B 64 -18.93 -10.98 -16.33
CA ILE B 64 -18.89 -12.36 -16.79
C ILE B 64 -19.93 -13.14 -16.02
N LEU B 65 -20.62 -14.05 -16.71
CA LEU B 65 -21.65 -14.86 -16.07
C LEU B 65 -21.23 -16.33 -16.15
N VAL B 66 -20.64 -16.79 -15.05
CA VAL B 66 -20.13 -18.14 -14.93
C VAL B 66 -21.06 -19.02 -14.08
N ASP B 67 -21.48 -20.14 -14.65
CA ASP B 67 -22.38 -21.06 -13.96
C ASP B 67 -22.57 -22.39 -14.69
N LEU B 68 -22.61 -23.47 -13.92
CA LEU B 68 -22.77 -24.82 -14.45
C LEU B 68 -24.21 -25.31 -14.46
N GLU B 69 -25.14 -24.39 -14.18
CA GLU B 69 -26.56 -24.72 -14.13
C GLU B 69 -27.24 -23.79 -15.14
N PRO B 70 -27.68 -24.34 -16.28
CA PRO B 70 -28.33 -23.47 -17.25
C PRO B 70 -29.50 -22.66 -16.65
N GLY B 71 -30.58 -23.35 -16.28
CA GLY B 71 -31.75 -22.68 -15.70
C GLY B 71 -31.51 -21.32 -15.06
N THR B 72 -30.44 -21.20 -14.28
CA THR B 72 -30.11 -19.94 -13.61
C THR B 72 -29.93 -18.81 -14.61
N MET B 73 -28.78 -18.79 -15.27
CA MET B 73 -28.48 -17.75 -16.25
C MET B 73 -29.62 -17.60 -17.25
N ASP B 74 -30.41 -18.67 -17.39
CA ASP B 74 -31.55 -18.68 -18.31
C ASP B 74 -32.80 -18.12 -17.64
N SER B 75 -32.60 -17.54 -16.45
CA SER B 75 -33.69 -16.92 -15.70
C SER B 75 -33.29 -15.45 -15.62
N VAL B 76 -31.99 -15.24 -15.56
CA VAL B 76 -31.42 -13.90 -15.51
C VAL B 76 -31.41 -13.32 -16.91
N ARG B 77 -31.30 -14.21 -17.90
CA ARG B 77 -31.27 -13.76 -19.28
C ARG B 77 -32.68 -13.74 -19.89
N SER B 78 -33.66 -14.30 -19.18
CA SER B 78 -35.03 -14.33 -19.69
C SER B 78 -35.98 -13.42 -18.92
N GLY B 79 -35.43 -12.55 -18.09
CA GLY B 79 -36.26 -11.65 -17.31
C GLY B 79 -36.10 -10.17 -17.69
N PRO B 80 -35.99 -9.27 -16.70
CA PRO B 80 -35.83 -7.83 -16.96
C PRO B 80 -34.57 -7.49 -17.75
N PHE B 81 -33.65 -6.78 -17.11
CA PHE B 81 -32.41 -6.35 -17.75
C PHE B 81 -31.61 -7.50 -18.36
N GLY B 82 -32.13 -8.72 -18.23
CA GLY B 82 -31.42 -9.88 -18.75
C GLY B 82 -30.95 -9.81 -20.19
N GLN B 83 -31.56 -8.95 -21.01
CA GLN B 83 -31.16 -8.86 -22.41
C GLN B 83 -30.22 -7.72 -22.76
N ILE B 84 -29.29 -7.41 -21.85
CA ILE B 84 -28.32 -6.34 -22.09
C ILE B 84 -26.91 -6.92 -22.19
N PHE B 85 -26.72 -8.09 -21.60
CA PHE B 85 -25.43 -8.75 -21.64
C PHE B 85 -25.23 -9.34 -23.04
N ARG B 86 -24.06 -9.13 -23.62
CA ARG B 86 -23.79 -9.71 -24.93
C ARG B 86 -23.70 -11.20 -24.62
N PRO B 87 -24.33 -12.06 -25.44
CA PRO B 87 -24.31 -13.51 -25.22
C PRO B 87 -22.92 -14.08 -24.96
N ASP B 88 -21.93 -13.42 -25.53
CA ASP B 88 -20.54 -13.84 -25.37
C ASP B 88 -20.20 -13.91 -23.87
N ASN B 89 -20.87 -13.09 -23.08
CA ASN B 89 -20.67 -13.01 -21.63
C ASN B 89 -21.06 -14.28 -20.88
N PHE B 90 -22.11 -14.96 -21.38
CA PHE B 90 -22.60 -16.17 -20.74
C PHE B 90 -21.67 -17.38 -20.87
N VAL B 91 -20.87 -17.65 -19.85
CA VAL B 91 -20.01 -18.82 -19.90
C VAL B 91 -20.67 -19.87 -19.04
N PHE B 92 -21.58 -20.62 -19.66
CA PHE B 92 -22.33 -21.67 -19.01
C PHE B 92 -21.62 -23.02 -19.00
N GLY B 93 -22.13 -23.93 -18.18
CA GLY B 93 -21.56 -25.26 -18.10
C GLY B 93 -22.75 -26.18 -17.91
N GLN B 94 -23.43 -26.52 -19.01
CA GLN B 94 -24.62 -27.37 -18.93
C GLN B 94 -24.43 -28.67 -18.16
N SER B 95 -23.22 -28.92 -17.72
CA SER B 95 -22.90 -30.13 -16.95
C SER B 95 -23.82 -30.21 -15.72
N GLY B 96 -23.49 -31.10 -14.80
CA GLY B 96 -24.28 -31.20 -13.58
C GLY B 96 -23.65 -30.24 -12.59
N ALA B 97 -24.25 -29.07 -12.40
CA ALA B 97 -23.69 -28.07 -11.48
C ALA B 97 -23.68 -28.52 -10.01
N GLY B 98 -23.41 -29.80 -9.78
CA GLY B 98 -23.39 -30.34 -8.42
C GLY B 98 -22.95 -29.36 -7.37
N ASN B 99 -23.55 -29.47 -6.19
CA ASN B 99 -23.25 -28.58 -5.07
C ASN B 99 -21.91 -28.84 -4.40
N ASN B 100 -20.98 -29.37 -5.16
CA ASN B 100 -19.67 -29.70 -4.62
C ASN B 100 -18.56 -28.74 -5.05
N TRP B 101 -17.88 -28.18 -4.05
CA TRP B 101 -16.77 -27.26 -4.29
C TRP B 101 -15.79 -27.93 -5.22
N ALA B 102 -15.61 -29.22 -5.00
CA ALA B 102 -14.71 -30.02 -5.77
C ALA B 102 -15.25 -30.23 -7.16
N LYS B 103 -16.56 -30.25 -7.31
CA LYS B 103 -17.13 -30.49 -8.64
C LYS B 103 -17.08 -29.26 -9.53
N GLY B 104 -16.90 -28.09 -8.94
CA GLY B 104 -16.82 -26.89 -9.74
C GLY B 104 -15.44 -26.24 -9.71
N HIS B 105 -14.48 -26.91 -9.09
CA HIS B 105 -13.14 -26.36 -9.01
C HIS B 105 -12.12 -27.28 -9.60
N TYR B 106 -12.36 -28.60 -9.56
CA TYR B 106 -11.39 -29.55 -10.11
C TYR B 106 -11.87 -30.40 -11.27
N THR B 107 -13.13 -30.81 -11.21
CA THR B 107 -13.63 -31.68 -12.24
C THR B 107 -14.51 -31.09 -13.28
N GLU B 108 -15.58 -30.44 -12.86
CA GLU B 108 -16.48 -29.88 -13.83
C GLU B 108 -16.09 -28.47 -14.22
N GLY B 109 -15.84 -27.61 -13.24
CA GLY B 109 -15.48 -26.24 -13.54
C GLY B 109 -14.16 -26.08 -14.26
N ALA B 110 -13.18 -26.89 -13.88
CA ALA B 110 -11.86 -26.80 -14.49
C ALA B 110 -11.90 -26.84 -16.00
N GLU B 111 -12.95 -27.41 -16.57
CA GLU B 111 -13.04 -27.49 -18.02
C GLU B 111 -13.53 -26.16 -18.56
N LEU B 112 -14.65 -25.71 -18.01
CA LEU B 112 -15.29 -24.47 -18.42
C LEU B 112 -14.43 -23.23 -18.18
N VAL B 113 -13.36 -23.39 -17.40
CA VAL B 113 -12.47 -22.28 -17.06
C VAL B 113 -11.82 -21.60 -18.26
N ASP B 114 -11.10 -22.38 -19.07
CA ASP B 114 -10.41 -21.84 -20.24
C ASP B 114 -11.37 -21.03 -21.12
N SER B 115 -12.60 -21.51 -21.27
CA SER B 115 -13.59 -20.81 -22.08
C SER B 115 -14.10 -19.57 -21.36
N VAL B 116 -13.61 -19.36 -20.14
CA VAL B 116 -14.00 -18.18 -19.36
C VAL B 116 -12.83 -17.23 -19.50
N LEU B 117 -11.66 -17.65 -19.00
CA LEU B 117 -10.46 -16.82 -19.06
C LEU B 117 -10.37 -16.13 -20.42
N ASP B 118 -10.78 -16.88 -21.44
CA ASP B 118 -10.79 -16.43 -22.81
C ASP B 118 -11.48 -15.08 -22.85
N VAL B 119 -12.70 -15.04 -22.34
CA VAL B 119 -13.48 -13.83 -22.33
C VAL B 119 -12.93 -12.80 -21.32
N VAL B 120 -12.60 -13.25 -20.12
CA VAL B 120 -12.07 -12.32 -19.12
C VAL B 120 -10.88 -11.55 -19.68
N ARG B 121 -10.33 -12.05 -20.80
CA ARG B 121 -9.20 -11.39 -21.48
C ARG B 121 -9.76 -10.51 -22.57
N LYS B 122 -10.83 -10.97 -23.22
CA LYS B 122 -11.44 -10.18 -24.27
C LYS B 122 -11.95 -8.88 -23.66
N GLU B 123 -12.41 -8.96 -22.42
CA GLU B 123 -12.95 -7.80 -21.71
C GLU B 123 -11.86 -6.94 -21.10
N SER B 124 -10.80 -7.59 -20.62
CA SER B 124 -9.70 -6.85 -20.00
C SER B 124 -8.97 -6.04 -21.04
N GLU B 125 -8.71 -6.67 -22.19
CA GLU B 125 -8.01 -6.04 -23.29
C GLU B 125 -8.99 -5.16 -24.08
N SER B 126 -10.10 -4.83 -23.45
CA SER B 126 -11.11 -3.98 -24.07
C SER B 126 -10.37 -2.73 -24.50
N CYS B 127 -10.27 -1.77 -23.58
CA CYS B 127 -9.57 -0.53 -23.86
C CYS B 127 -9.07 0.17 -22.61
N ASP B 128 -8.56 1.38 -22.82
CA ASP B 128 -7.99 2.23 -21.77
C ASP B 128 -7.16 1.42 -20.78
N CYS B 129 -7.30 1.73 -19.50
CA CYS B 129 -6.55 1.05 -18.46
C CYS B 129 -7.45 0.32 -17.46
N LEU B 130 -7.14 -0.94 -17.22
CA LEU B 130 -7.89 -1.76 -16.28
C LEU B 130 -7.44 -1.49 -14.86
N GLN B 131 -8.43 -1.47 -13.97
CA GLN B 131 -8.22 -1.23 -12.54
C GLN B 131 -8.24 -2.57 -11.78
N GLY B 132 -9.36 -3.27 -11.91
CA GLY B 132 -9.56 -4.58 -11.25
C GLY B 132 -10.90 -5.20 -11.69
N PHE B 133 -11.22 -6.31 -11.04
CA PHE B 133 -12.46 -7.07 -11.31
C PHE B 133 -13.29 -7.26 -10.04
N GLN B 134 -14.59 -7.11 -10.24
CA GLN B 134 -15.60 -7.33 -9.20
C GLN B 134 -16.03 -8.79 -9.26
N LEU B 135 -16.13 -9.41 -8.11
CA LEU B 135 -16.50 -10.83 -8.04
C LEU B 135 -17.60 -11.07 -7.01
N THR B 136 -18.70 -11.59 -7.52
CA THR B 136 -19.87 -11.94 -6.71
C THR B 136 -20.06 -13.46 -6.74
N HIS B 137 -20.46 -13.97 -5.60
CA HIS B 137 -20.68 -15.41 -5.42
C HIS B 137 -20.97 -15.72 -3.96
N SER B 138 -21.28 -16.99 -3.75
CA SER B 138 -21.57 -17.52 -2.42
C SER B 138 -20.59 -18.64 -2.12
N LEU B 139 -20.08 -18.64 -0.91
CA LEU B 139 -19.12 -19.64 -0.48
C LEU B 139 -19.80 -20.88 0.05
N GLY B 140 -21.02 -21.13 -0.43
CA GLY B 140 -21.75 -22.29 0.03
C GLY B 140 -22.35 -23.12 -1.10
N GLY B 141 -21.54 -23.41 -2.11
CA GLY B 141 -21.99 -24.19 -3.26
C GLY B 141 -20.88 -24.49 -4.26
N GLY B 142 -21.23 -25.14 -5.36
CA GLY B 142 -20.24 -25.49 -6.37
C GLY B 142 -19.83 -24.32 -7.21
N THR B 143 -20.64 -23.98 -8.19
CA THR B 143 -20.35 -22.88 -9.11
C THR B 143 -19.95 -21.58 -8.41
N GLY B 144 -20.16 -21.51 -7.11
CA GLY B 144 -19.84 -20.30 -6.40
C GLY B 144 -18.46 -20.32 -5.81
N SER B 145 -18.29 -21.11 -4.75
CA SER B 145 -17.02 -21.20 -4.05
C SER B 145 -15.93 -21.88 -4.84
N GLY B 146 -16.25 -23.01 -5.47
CA GLY B 146 -15.25 -23.72 -6.22
C GLY B 146 -14.85 -23.06 -7.53
N MET B 147 -15.75 -23.09 -8.50
CA MET B 147 -15.47 -22.51 -9.80
C MET B 147 -15.16 -21.01 -9.84
N GLY B 148 -15.76 -20.26 -8.92
CA GLY B 148 -15.51 -18.83 -8.89
C GLY B 148 -14.20 -18.56 -8.19
N THR B 149 -13.86 -19.43 -7.25
CA THR B 149 -12.64 -19.29 -6.51
C THR B 149 -11.49 -19.70 -7.39
N LEU B 150 -11.81 -20.36 -8.49
CA LEU B 150 -10.77 -20.76 -9.43
C LEU B 150 -10.59 -19.59 -10.39
N LEU B 151 -11.70 -19.08 -10.87
CA LEU B 151 -11.69 -17.96 -11.79
C LEU B 151 -10.74 -16.91 -11.31
N ILE B 152 -10.67 -16.69 -10.01
CA ILE B 152 -9.77 -15.67 -9.50
C ILE B 152 -8.33 -16.14 -9.44
N SER B 153 -8.11 -17.35 -8.95
CA SER B 153 -6.76 -17.88 -8.84
C SER B 153 -6.05 -17.78 -10.19
N LYS B 154 -6.85 -17.76 -11.25
CA LYS B 154 -6.35 -17.64 -12.62
C LYS B 154 -6.20 -16.16 -12.97
N ILE B 155 -7.22 -15.38 -12.62
CA ILE B 155 -7.18 -13.95 -12.87
C ILE B 155 -5.90 -13.36 -12.22
N ARG B 156 -5.68 -13.68 -10.94
CA ARG B 156 -4.53 -13.19 -10.17
C ARG B 156 -3.17 -13.72 -10.61
N GLU B 157 -3.13 -14.40 -11.75
CA GLU B 157 -1.90 -14.95 -12.26
C GLU B 157 -1.68 -14.24 -13.57
N GLU B 158 -2.80 -13.75 -14.09
CA GLU B 158 -2.83 -13.05 -15.37
C GLU B 158 -2.61 -11.54 -15.22
N TYR B 159 -2.97 -10.99 -14.08
CA TYR B 159 -2.76 -9.56 -13.88
C TYR B 159 -2.56 -9.26 -12.40
N PRO B 160 -1.46 -9.77 -11.81
CA PRO B 160 -1.19 -9.53 -10.39
C PRO B 160 -1.02 -8.04 -10.08
N ASP B 161 -1.41 -7.21 -11.05
CA ASP B 161 -1.35 -5.76 -10.94
C ASP B 161 -2.74 -5.20 -10.64
N ARG B 162 -3.69 -5.50 -11.52
CA ARG B 162 -5.04 -5.01 -11.32
C ARG B 162 -5.59 -5.62 -10.04
N ILE B 163 -6.45 -4.88 -9.35
CA ILE B 163 -7.06 -5.33 -8.09
C ILE B 163 -8.14 -6.38 -8.23
N MET B 164 -8.59 -6.89 -7.08
CA MET B 164 -9.62 -7.93 -7.01
C MET B 164 -10.54 -7.84 -5.80
N ASN B 165 -11.66 -7.16 -6.00
CA ASN B 165 -12.63 -7.02 -4.94
C ASN B 165 -13.47 -8.27 -5.00
N THR B 166 -13.78 -8.82 -3.84
CA THR B 166 -14.59 -10.00 -3.79
C THR B 166 -15.77 -9.78 -2.88
N PHE B 167 -16.96 -10.04 -3.42
CA PHE B 167 -18.21 -9.94 -2.67
C PHE B 167 -18.68 -11.37 -2.41
N SER B 168 -18.40 -11.83 -1.19
CA SER B 168 -18.77 -13.17 -0.77
C SER B 168 -19.96 -13.22 0.20
N VAL B 169 -20.81 -14.20 -0.02
CA VAL B 169 -21.97 -14.38 0.81
C VAL B 169 -21.65 -15.50 1.79
N VAL B 170 -20.72 -15.22 2.69
CA VAL B 170 -20.32 -16.16 3.72
C VAL B 170 -21.55 -16.81 4.33
N PRO B 171 -21.48 -18.13 4.58
CA PRO B 171 -22.54 -18.95 5.18
C PRO B 171 -23.11 -18.35 6.45
N SER B 172 -24.36 -17.91 6.36
CA SER B 172 -25.06 -17.32 7.49
C SER B 172 -25.09 -18.32 8.64
N PRO B 173 -25.04 -17.81 9.88
CA PRO B 173 -25.07 -18.69 11.05
C PRO B 173 -26.38 -19.43 11.31
N LYS B 174 -27.20 -18.91 12.21
CA LYS B 174 -28.49 -19.49 12.58
C LYS B 174 -28.93 -20.70 11.72
N VAL B 175 -29.14 -20.48 10.43
CA VAL B 175 -29.55 -21.57 9.54
C VAL B 175 -28.76 -21.56 8.25
N SER B 176 -28.29 -22.75 7.85
CA SER B 176 -27.51 -22.87 6.62
C SER B 176 -28.37 -23.33 5.45
N ASP B 177 -28.39 -22.52 4.41
CA ASP B 177 -29.21 -22.81 3.23
C ASP B 177 -28.68 -23.93 2.39
N THR B 178 -27.76 -24.69 2.97
CA THR B 178 -27.14 -25.86 2.34
C THR B 178 -26.61 -26.74 3.49
N VAL B 179 -26.08 -27.92 3.16
CA VAL B 179 -25.60 -28.82 4.19
C VAL B 179 -24.11 -28.95 4.34
N VAL B 180 -23.40 -29.00 3.23
CA VAL B 180 -21.96 -29.13 3.30
C VAL B 180 -21.34 -27.76 3.48
N GLU B 181 -22.16 -26.74 3.28
CA GLU B 181 -21.79 -25.35 3.43
C GLU B 181 -20.36 -25.08 3.89
N PRO B 182 -19.99 -25.49 5.13
CA PRO B 182 -18.63 -25.25 5.63
C PRO B 182 -17.54 -25.89 4.76
N TYR B 183 -17.93 -26.91 3.99
CA TYR B 183 -17.03 -27.57 3.08
C TYR B 183 -16.79 -26.63 1.90
N ASN B 184 -17.87 -26.31 1.20
CA ASN B 184 -17.76 -25.39 0.06
C ASN B 184 -17.16 -24.05 0.52
N ALA B 185 -17.40 -23.67 1.77
CA ALA B 185 -16.92 -22.40 2.29
C ALA B 185 -15.45 -22.41 2.64
N THR B 186 -15.11 -23.13 3.70
CA THR B 186 -13.73 -23.20 4.13
C THR B 186 -12.81 -23.31 2.93
N LEU B 187 -13.23 -24.07 1.94
CA LEU B 187 -12.44 -24.27 0.73
C LEU B 187 -12.31 -23.04 -0.15
N SER B 188 -13.32 -22.19 -0.16
CA SER B 188 -13.25 -21.00 -0.99
C SER B 188 -12.57 -19.84 -0.28
N VAL B 189 -12.79 -19.69 1.03
CA VAL B 189 -12.14 -18.61 1.79
C VAL B 189 -10.62 -18.75 1.65
N HIS B 190 -10.20 -19.99 1.68
CA HIS B 190 -8.82 -20.40 1.53
C HIS B 190 -8.26 -19.68 0.29
N GLN B 191 -8.91 -19.93 -0.86
CA GLN B 191 -8.55 -19.35 -2.17
C GLN B 191 -8.59 -17.82 -2.15
N LEU B 192 -9.51 -17.27 -1.37
CA LEU B 192 -9.69 -15.84 -1.24
C LEU B 192 -8.52 -15.16 -0.53
N VAL B 193 -8.21 -15.64 0.69
CA VAL B 193 -7.13 -15.14 1.54
C VAL B 193 -5.83 -15.13 0.78
N GLU B 194 -5.86 -15.62 -0.46
CA GLU B 194 -4.63 -15.72 -1.21
C GLU B 194 -4.65 -15.36 -2.66
N ASN B 195 -5.63 -14.53 -3.04
CA ASN B 195 -5.72 -14.06 -4.41
C ASN B 195 -6.38 -12.68 -4.42
N THR B 196 -7.70 -12.59 -4.23
CA THR B 196 -8.34 -11.27 -4.19
C THR B 196 -7.73 -10.42 -3.05
N ASP B 197 -7.77 -9.10 -3.17
CA ASP B 197 -7.18 -8.25 -2.12
C ASP B 197 -8.12 -7.29 -1.43
N GLU B 198 -9.43 -7.55 -1.59
CA GLU B 198 -10.52 -6.78 -0.98
C GLU B 198 -11.76 -7.64 -1.07
N THR B 199 -12.27 -8.08 0.08
CA THR B 199 -13.45 -8.93 0.12
C THR B 199 -14.53 -8.32 0.98
N TYR B 200 -15.74 -8.26 0.44
CA TYR B 200 -16.86 -7.72 1.19
C TYR B 200 -17.90 -8.84 1.47
N CYS B 201 -17.80 -9.40 2.68
CA CYS B 201 -18.64 -10.49 3.16
C CYS B 201 -20.03 -10.09 3.65
N ILE B 202 -21.04 -10.63 2.97
CA ILE B 202 -22.42 -10.34 3.28
C ILE B 202 -23.11 -11.61 3.81
N ASP B 203 -24.05 -11.44 4.73
CA ASP B 203 -24.76 -12.57 5.35
C ASP B 203 -26.28 -12.49 5.18
N ASN B 204 -26.82 -13.42 4.41
CA ASN B 204 -28.24 -13.44 4.16
C ASN B 204 -29.11 -13.16 5.39
N GLU B 205 -28.63 -13.50 6.58
CA GLU B 205 -29.41 -13.26 7.80
C GLU B 205 -29.02 -11.96 8.52
N ALA B 206 -27.87 -11.40 8.19
CA ALA B 206 -27.48 -10.15 8.78
C ALA B 206 -28.33 -9.14 8.02
N LEU B 207 -28.67 -9.50 6.79
CA LEU B 207 -29.49 -8.68 5.90
C LEU B 207 -30.93 -8.74 6.37
N TYR B 208 -31.48 -9.93 6.46
CA TYR B 208 -32.85 -10.07 6.90
C TYR B 208 -33.00 -9.10 8.05
N ASP B 209 -32.32 -9.38 9.15
CA ASP B 209 -32.37 -8.51 10.31
C ASP B 209 -32.39 -7.07 9.86
N ILE B 210 -31.26 -6.60 9.37
CA ILE B 210 -31.11 -5.24 8.90
C ILE B 210 -32.19 -4.83 7.89
N CYS B 211 -32.91 -5.81 7.38
CA CYS B 211 -33.93 -5.56 6.37
C CYS B 211 -35.35 -5.71 6.90
N PHE B 212 -35.49 -6.33 8.07
CA PHE B 212 -36.80 -6.54 8.67
C PHE B 212 -37.00 -5.66 9.91
N ARG B 213 -35.93 -5.05 10.40
CA ARG B 213 -36.07 -4.18 11.56
C ARG B 213 -35.56 -2.77 11.25
N THR B 214 -34.72 -2.62 10.23
CA THR B 214 -34.19 -1.32 9.85
C THR B 214 -34.95 -0.84 8.62
N LEU B 215 -35.86 -1.70 8.17
CA LEU B 215 -36.78 -1.48 7.06
C LEU B 215 -37.89 -2.35 7.59
N LYS B 216 -38.93 -1.74 8.15
CA LYS B 216 -40.03 -2.50 8.70
C LYS B 216 -40.52 -3.59 7.72
N LEU B 217 -39.79 -3.74 6.61
CA LEU B 217 -40.11 -4.72 5.57
C LEU B 217 -40.44 -6.09 6.18
N THR B 218 -41.69 -6.52 5.99
CA THR B 218 -42.17 -7.80 6.53
C THR B 218 -41.92 -9.04 5.65
N THR B 219 -41.88 -8.84 4.33
CA THR B 219 -41.62 -9.94 3.41
C THR B 219 -40.37 -9.68 2.59
N PRO B 220 -39.19 -9.77 3.22
CA PRO B 220 -37.93 -9.53 2.53
C PRO B 220 -37.54 -10.65 1.58
N THR B 221 -38.02 -10.55 0.34
CA THR B 221 -37.70 -11.54 -0.65
C THR B 221 -36.19 -11.49 -0.93
N TYR B 222 -35.66 -12.48 -1.63
CA TYR B 222 -34.24 -12.47 -1.95
C TYR B 222 -33.95 -11.20 -2.73
N GLY B 223 -34.73 -10.98 -3.79
CA GLY B 223 -34.54 -9.81 -4.62
C GLY B 223 -34.12 -8.62 -3.78
N ASP B 224 -34.77 -8.48 -2.63
CA ASP B 224 -34.49 -7.39 -1.72
C ASP B 224 -33.07 -7.51 -1.22
N LEU B 225 -32.80 -8.50 -0.38
CA LEU B 225 -31.47 -8.70 0.16
C LEU B 225 -30.47 -8.28 -0.91
N ASN B 226 -30.55 -8.98 -2.03
CA ASN B 226 -29.67 -8.73 -3.17
C ASN B 226 -29.63 -7.22 -3.43
N HIS B 227 -30.80 -6.64 -3.58
CA HIS B 227 -30.94 -5.23 -3.83
C HIS B 227 -30.17 -4.37 -2.82
N LEU B 228 -30.30 -4.69 -1.55
CA LEU B 228 -29.61 -3.95 -0.51
C LEU B 228 -28.10 -4.05 -0.70
N VAL B 229 -27.64 -5.27 -0.90
CA VAL B 229 -26.21 -5.54 -1.11
C VAL B 229 -25.68 -4.70 -2.27
N SER B 230 -26.31 -4.90 -3.42
CA SER B 230 -25.97 -4.21 -4.67
C SER B 230 -25.90 -2.70 -4.46
N ALA B 231 -26.60 -2.26 -3.43
CA ALA B 231 -26.65 -0.83 -3.08
C ALA B 231 -25.31 -0.36 -2.53
N THR B 232 -24.66 -1.27 -1.81
CA THR B 232 -23.37 -1.01 -1.16
C THR B 232 -22.21 -1.07 -2.18
N MET B 233 -22.25 -2.08 -3.03
CA MET B 233 -21.19 -2.29 -4.02
C MET B 233 -21.20 -1.17 -5.08
N SER B 234 -22.29 -0.40 -5.08
CA SER B 234 -22.43 0.72 -6.01
C SER B 234 -21.78 1.98 -5.39
N GLY B 235 -21.92 2.04 -4.08
CA GLY B 235 -21.36 3.16 -3.29
C GLY B 235 -19.84 3.06 -3.31
N VAL B 236 -19.37 1.83 -3.25
CA VAL B 236 -17.94 1.50 -3.25
C VAL B 236 -17.30 1.97 -4.56
N THR B 237 -17.35 1.07 -5.52
CA THR B 237 -16.78 1.29 -6.86
C THR B 237 -17.42 2.51 -7.53
N THR B 238 -18.18 2.20 -8.57
CA THR B 238 -18.88 3.17 -9.42
C THR B 238 -18.88 4.57 -8.82
N CYS B 239 -19.34 4.66 -7.58
CA CYS B 239 -19.40 5.90 -6.86
C CYS B 239 -18.10 6.68 -6.98
N LEU B 240 -17.05 6.15 -6.36
CA LEU B 240 -15.76 6.82 -6.37
C LEU B 240 -15.25 7.17 -7.75
N ARG B 241 -15.89 6.61 -8.77
CA ARG B 241 -15.50 6.90 -10.12
C ARG B 241 -16.31 8.11 -10.56
N PHE B 242 -16.64 8.90 -9.55
CA PHE B 242 -17.38 10.14 -9.71
C PHE B 242 -16.49 11.19 -9.10
N PRO B 243 -16.81 12.48 -9.30
CA PRO B 243 -16.00 13.54 -8.74
C PRO B 243 -16.18 13.56 -7.23
N GLY B 244 -15.49 14.47 -6.55
CA GLY B 244 -15.62 14.58 -5.11
C GLY B 244 -14.57 15.53 -4.54
N GLN B 245 -14.89 16.16 -3.42
CA GLN B 245 -13.94 17.07 -2.83
C GLN B 245 -12.71 16.23 -2.53
N LEU B 246 -12.96 15.04 -2.00
CA LEU B 246 -11.90 14.10 -1.68
C LEU B 246 -12.30 12.72 -2.17
N ASN B 247 -11.93 12.40 -3.40
CA ASN B 247 -12.30 11.11 -3.93
C ASN B 247 -11.18 10.10 -3.83
N ALA B 248 -11.58 8.84 -3.80
CA ALA B 248 -10.66 7.74 -3.72
C ALA B 248 -11.08 6.78 -4.84
N ASP B 249 -10.46 5.60 -4.89
CA ASP B 249 -10.76 4.60 -5.91
C ASP B 249 -10.13 3.29 -5.46
N LEU B 250 -10.83 2.19 -5.73
CA LEU B 250 -10.39 0.86 -5.33
C LEU B 250 -9.05 0.82 -4.63
N ARG B 251 -8.00 1.31 -5.28
CA ARG B 251 -6.72 1.30 -4.62
C ARG B 251 -6.75 2.08 -3.32
N LYS B 252 -7.00 3.39 -3.37
CA LYS B 252 -7.04 4.17 -2.13
C LYS B 252 -7.70 3.27 -1.11
N LEU B 253 -8.91 2.82 -1.45
CA LEU B 253 -9.67 1.94 -0.57
C LEU B 253 -8.83 0.76 -0.15
N ALA B 254 -8.08 0.22 -1.09
CA ALA B 254 -7.24 -0.91 -0.77
C ALA B 254 -6.01 -0.45 0.01
N VAL B 255 -5.31 0.54 -0.52
CA VAL B 255 -4.11 1.03 0.13
C VAL B 255 -4.31 1.78 1.43
N ASN B 256 -5.53 1.82 1.93
CA ASN B 256 -5.82 2.51 3.19
C ASN B 256 -6.49 1.55 4.11
N MET B 257 -6.89 0.42 3.57
CA MET B 257 -7.63 -0.54 4.36
C MET B 257 -6.96 -1.84 4.68
N VAL B 258 -5.89 -2.16 3.98
CA VAL B 258 -5.24 -3.42 4.26
C VAL B 258 -3.88 -3.23 4.87
N PRO B 259 -3.80 -3.33 6.20
CA PRO B 259 -2.51 -3.16 6.85
C PRO B 259 -1.64 -4.37 6.57
N PHE B 260 -2.22 -5.55 6.55
CA PHE B 260 -1.40 -6.73 6.30
C PHE B 260 -1.94 -7.69 5.24
N PRO B 261 -1.17 -7.87 4.16
CA PRO B 261 -1.33 -8.68 2.96
C PRO B 261 -2.32 -9.83 2.90
N ARG B 262 -2.80 -10.32 4.04
CA ARG B 262 -3.76 -11.43 3.99
C ARG B 262 -4.75 -11.16 2.88
N LEU B 263 -5.25 -9.93 2.87
CA LEU B 263 -6.22 -9.43 1.91
C LEU B 263 -7.30 -8.85 2.79
N HIS B 264 -7.54 -9.54 3.89
CA HIS B 264 -8.53 -9.08 4.83
C HIS B 264 -9.89 -8.84 4.20
N PHE B 265 -10.90 -9.12 5.00
CA PHE B 265 -12.26 -9.00 4.55
C PHE B 265 -12.90 -7.89 5.35
N PHE B 266 -13.80 -7.21 4.69
CA PHE B 266 -14.50 -6.08 5.26
C PHE B 266 -15.94 -6.42 5.54
N MET B 267 -16.72 -5.40 5.87
CA MET B 267 -18.13 -5.59 6.16
C MET B 267 -18.75 -4.30 5.74
N PRO B 268 -19.46 -4.30 4.61
CA PRO B 268 -20.12 -3.09 4.10
C PRO B 268 -21.40 -2.67 4.84
N GLY B 269 -21.64 -1.36 4.87
CA GLY B 269 -22.80 -0.80 5.53
C GLY B 269 -23.25 0.43 4.76
N PHE B 270 -24.55 0.50 4.48
CA PHE B 270 -25.10 1.64 3.75
C PHE B 270 -25.53 2.71 4.74
N ALA B 271 -25.73 3.93 4.25
CA ALA B 271 -26.14 5.02 5.13
C ALA B 271 -27.63 5.20 5.34
N PRO B 272 -28.30 5.99 4.48
CA PRO B 272 -29.73 6.14 4.75
C PRO B 272 -30.44 4.82 4.61
N LEU B 273 -30.75 4.18 5.73
CA LEU B 273 -31.46 2.93 5.65
C LEU B 273 -32.72 3.07 6.47
N THR B 274 -33.63 3.90 5.97
CA THR B 274 -34.90 4.17 6.66
C THR B 274 -36.08 3.57 5.91
N SER B 275 -37.09 3.10 6.64
CA SER B 275 -38.30 2.52 6.04
C SER B 275 -38.95 3.55 5.13
N ARG B 276 -39.68 3.09 4.11
CA ARG B 276 -40.28 4.03 3.16
C ARG B 276 -41.02 5.27 3.69
N GLY B 277 -42.35 5.27 3.61
CA GLY B 277 -43.13 6.41 4.08
C GLY B 277 -42.64 7.12 5.33
N SER B 278 -43.26 6.81 6.46
CA SER B 278 -42.94 7.37 7.77
C SER B 278 -41.51 7.77 7.99
N GLN B 279 -40.70 6.82 8.46
CA GLN B 279 -39.30 7.01 8.76
C GLN B 279 -38.59 8.14 8.00
N GLN B 280 -38.99 8.37 6.73
CA GLN B 280 -38.47 9.41 5.83
C GLN B 280 -38.34 10.68 6.64
N TYR B 281 -37.48 10.54 7.65
CA TYR B 281 -37.17 11.54 8.63
C TYR B 281 -36.22 12.56 8.13
N ARG B 282 -35.44 12.20 7.12
CA ARG B 282 -34.47 13.11 6.56
C ARG B 282 -33.40 13.43 7.56
N ALA B 283 -33.44 12.84 8.75
CA ALA B 283 -32.39 13.11 9.72
C ALA B 283 -31.19 12.50 9.01
N LEU B 284 -30.61 13.29 8.11
CA LEU B 284 -29.46 12.85 7.33
C LEU B 284 -28.49 14.01 7.27
N THR B 285 -28.53 14.92 8.25
CA THR B 285 -27.61 16.07 8.21
C THR B 285 -26.19 15.52 8.01
N VAL B 286 -25.86 14.45 8.73
CA VAL B 286 -24.57 13.75 8.67
C VAL B 286 -24.34 12.97 9.96
N PRO B 287 -24.50 13.63 11.11
CA PRO B 287 -24.28 12.86 12.34
C PRO B 287 -25.23 11.68 12.28
N GLU B 288 -26.26 11.79 11.46
CA GLU B 288 -27.22 10.74 11.36
C GLU B 288 -26.70 9.59 10.55
N LEU B 289 -25.86 9.88 9.56
CA LEU B 289 -25.27 8.83 8.74
C LEU B 289 -24.20 8.07 9.51
N THR B 290 -23.36 8.79 10.24
CA THR B 290 -22.32 8.13 11.02
C THR B 290 -23.04 7.41 12.15
N GLN B 291 -24.13 7.97 12.62
CA GLN B 291 -24.87 7.30 13.68
C GLN B 291 -25.15 5.93 13.09
N GLN B 292 -25.82 5.94 11.93
CA GLN B 292 -26.16 4.72 11.23
C GLN B 292 -24.91 3.84 11.10
N MET B 293 -24.25 3.96 9.94
CA MET B 293 -23.05 3.22 9.59
C MET B 293 -22.27 2.58 10.74
N PHE B 294 -21.97 3.33 11.79
CA PHE B 294 -21.19 2.80 12.89
C PHE B 294 -21.88 2.03 13.99
N ASP B 295 -23.17 1.74 13.84
CA ASP B 295 -23.85 0.97 14.90
C ASP B 295 -23.60 -0.52 14.62
N ALA B 296 -23.95 -1.37 15.56
CA ALA B 296 -23.78 -2.79 15.37
C ALA B 296 -24.70 -3.13 14.21
N LYS B 297 -25.97 -3.40 14.51
CA LYS B 297 -26.90 -3.70 13.44
C LYS B 297 -26.62 -2.67 12.38
N ASN B 298 -26.78 -3.09 11.13
CA ASN B 298 -26.54 -2.25 9.97
C ASN B 298 -25.25 -2.64 9.31
N MET B 299 -24.58 -3.65 9.87
CA MET B 299 -23.34 -4.16 9.29
C MET B 299 -23.72 -5.43 8.54
N MET B 300 -23.75 -5.38 7.22
CA MET B 300 -24.14 -6.53 6.43
C MET B 300 -23.51 -7.83 6.86
N ALA B 301 -22.44 -7.72 7.65
CA ALA B 301 -21.75 -8.90 8.17
C ALA B 301 -22.62 -9.52 9.25
N ALA B 302 -22.23 -10.69 9.73
CA ALA B 302 -23.02 -11.36 10.76
C ALA B 302 -22.52 -10.87 12.09
N CYS B 303 -21.20 -10.88 12.23
CA CYS B 303 -20.60 -10.46 13.47
C CYS B 303 -20.88 -8.99 13.76
N ASP B 304 -20.71 -8.64 15.03
CA ASP B 304 -20.94 -7.28 15.48
C ASP B 304 -19.62 -6.59 15.85
N PRO B 305 -19.35 -5.47 15.18
CA PRO B 305 -18.13 -4.68 15.40
C PRO B 305 -17.82 -4.53 16.87
N ARG B 306 -18.85 -4.24 17.64
CA ARG B 306 -18.71 -4.04 19.08
C ARG B 306 -17.99 -5.21 19.72
N HIS B 307 -17.76 -6.27 18.95
CA HIS B 307 -17.09 -7.47 19.44
C HIS B 307 -15.63 -7.57 19.00
N GLY B 308 -15.05 -6.46 18.58
CA GLY B 308 -13.67 -6.48 18.14
C GLY B 308 -13.23 -5.21 17.44
N ARG B 309 -12.07 -4.70 17.81
CA ARG B 309 -11.50 -3.47 17.24
C ARG B 309 -11.60 -3.42 15.73
N TYR B 310 -11.24 -2.26 15.19
CA TYR B 310 -11.21 -2.05 13.76
C TYR B 310 -9.76 -1.77 13.41
N LEU B 311 -9.41 -1.98 12.15
CA LEU B 311 -8.05 -1.71 11.71
C LEU B 311 -8.21 -0.51 10.82
N THR B 312 -9.22 -0.56 9.98
CA THR B 312 -9.46 0.52 9.06
C THR B 312 -10.94 0.66 8.83
N VAL B 313 -11.32 1.85 8.39
CA VAL B 313 -12.70 2.14 8.10
C VAL B 313 -12.67 3.12 6.94
N ALA B 314 -13.68 3.02 6.09
CA ALA B 314 -13.74 3.90 4.93
C ALA B 314 -15.14 4.36 4.71
N ALA B 315 -15.45 5.54 5.20
CA ALA B 315 -16.78 6.06 5.01
C ALA B 315 -16.75 6.71 3.65
N VAL B 316 -17.23 5.99 2.65
CA VAL B 316 -17.25 6.54 1.31
C VAL B 316 -18.60 7.26 1.13
N PHE B 317 -18.68 8.52 1.55
CA PHE B 317 -19.90 9.31 1.41
C PHE B 317 -20.04 9.76 -0.02
N ARG B 318 -21.28 10.05 -0.43
CA ARG B 318 -21.55 10.51 -1.79
C ARG B 318 -22.81 11.39 -1.82
N GLY B 319 -22.63 12.66 -1.46
CA GLY B 319 -23.71 13.63 -1.43
C GLY B 319 -23.13 14.89 -0.82
N ARG B 320 -23.36 16.05 -1.44
CA ARG B 320 -22.81 17.32 -0.95
C ARG B 320 -22.88 17.57 0.57
N MET B 321 -21.70 17.68 1.18
CA MET B 321 -21.54 17.90 2.62
C MET B 321 -20.24 18.64 2.92
N SER B 322 -20.16 19.14 4.15
CA SER B 322 -19.01 19.89 4.63
C SER B 322 -17.83 19.04 5.03
N MET B 323 -16.72 19.22 4.32
CA MET B 323 -15.50 18.49 4.61
C MET B 323 -15.12 18.73 6.04
N LYS B 324 -15.92 19.57 6.70
CA LYS B 324 -15.70 19.89 8.09
C LYS B 324 -16.63 19.02 8.93
N GLU B 325 -17.93 19.02 8.63
CA GLU B 325 -18.85 18.20 9.41
C GLU B 325 -18.65 16.72 9.14
N VAL B 326 -17.81 16.42 8.16
CA VAL B 326 -17.50 15.04 7.81
C VAL B 326 -16.23 14.72 8.55
N ASP B 327 -15.16 15.43 8.19
CA ASP B 327 -13.89 15.21 8.83
C ASP B 327 -14.01 15.29 10.34
N GLU B 328 -14.91 16.14 10.82
CA GLU B 328 -15.11 16.30 12.26
C GLU B 328 -15.77 15.10 12.93
N GLN B 329 -17.01 14.85 12.54
CA GLN B 329 -17.76 13.73 13.08
C GLN B 329 -16.87 12.52 13.28
N MET B 330 -16.27 12.07 12.17
CA MET B 330 -15.36 10.93 12.16
C MET B 330 -14.49 10.87 13.39
N LEU B 331 -14.06 12.04 13.85
CA LEU B 331 -13.21 12.15 15.02
C LEU B 331 -13.89 11.72 16.31
N ASN B 332 -14.92 12.47 16.72
CA ASN B 332 -15.64 12.14 17.94
C ASN B 332 -15.86 10.65 17.91
N VAL B 333 -16.33 10.16 16.77
CA VAL B 333 -16.59 8.74 16.61
C VAL B 333 -15.37 7.96 17.00
N GLN B 334 -14.19 8.44 16.58
CA GLN B 334 -12.93 7.78 16.89
C GLN B 334 -12.53 7.91 18.34
N ASN B 335 -13.16 8.83 19.05
CA ASN B 335 -12.83 9.04 20.46
C ASN B 335 -13.88 8.48 21.42
N LYS B 336 -15.14 8.48 21.01
CA LYS B 336 -16.20 7.93 21.85
C LYS B 336 -15.99 6.42 21.94
N ASN B 337 -15.34 5.86 20.92
CA ASN B 337 -15.12 4.43 20.87
C ASN B 337 -13.65 4.05 20.78
N SER B 338 -12.79 4.87 21.37
CA SER B 338 -11.35 4.60 21.36
C SER B 338 -11.14 3.14 21.73
N SER B 339 -12.00 2.65 22.62
CA SER B 339 -11.96 1.28 23.09
C SER B 339 -11.74 0.37 21.89
N TYR B 340 -12.75 0.29 21.03
CA TYR B 340 -12.62 -0.55 19.85
C TYR B 340 -12.42 0.24 18.58
N PHE B 341 -11.16 0.31 18.18
CA PHE B 341 -10.76 1.04 16.99
C PHE B 341 -9.28 0.89 16.80
N VAL B 342 -8.66 -0.01 17.57
CA VAL B 342 -7.21 -0.28 17.51
C VAL B 342 -6.43 1.03 17.65
N GLU B 343 -5.26 0.97 18.28
CA GLU B 343 -4.51 2.19 18.50
C GLU B 343 -3.32 2.47 17.60
N TRP B 344 -2.55 1.43 17.26
CA TRP B 344 -1.38 1.64 16.43
C TRP B 344 -1.63 2.25 15.07
N ILE B 345 -2.82 2.84 14.90
CA ILE B 345 -3.19 3.55 13.69
C ILE B 345 -3.83 4.82 14.21
N PRO B 346 -3.08 5.90 14.22
CA PRO B 346 -3.62 7.17 14.70
C PRO B 346 -4.98 7.56 14.09
N ASN B 347 -5.14 7.34 12.80
CA ASN B 347 -6.41 7.68 12.14
C ASN B 347 -6.91 6.51 11.31
N ASN B 348 -7.55 5.56 11.98
CA ASN B 348 -8.09 4.37 11.34
C ASN B 348 -8.97 4.74 10.17
N VAL B 349 -9.87 5.66 10.42
CA VAL B 349 -10.82 6.08 9.42
C VAL B 349 -10.23 6.72 8.17
N LYS B 350 -10.82 6.36 7.03
CA LYS B 350 -10.44 6.86 5.73
C LYS B 350 -11.68 7.56 5.20
N THR B 351 -11.75 8.86 5.40
CA THR B 351 -12.88 9.63 4.94
C THR B 351 -12.75 9.80 3.44
N ALA B 352 -13.84 9.53 2.75
CA ALA B 352 -13.90 9.64 1.31
C ALA B 352 -15.12 10.46 1.04
N VAL B 353 -15.10 11.28 -0.01
CA VAL B 353 -16.26 12.11 -0.29
C VAL B 353 -16.55 12.43 -1.75
N CYS B 354 -17.55 11.75 -2.27
CA CYS B 354 -18.00 11.95 -3.63
C CYS B 354 -18.84 13.22 -3.61
N ASP B 355 -19.58 13.47 -4.69
CA ASP B 355 -20.44 14.62 -4.76
C ASP B 355 -21.86 14.15 -5.04
N ILE B 356 -22.12 13.75 -6.27
CA ILE B 356 -23.44 13.26 -6.63
C ILE B 356 -23.80 12.07 -5.76
N PRO B 357 -25.03 12.06 -5.20
CA PRO B 357 -25.50 10.98 -4.34
C PRO B 357 -26.31 9.92 -5.08
N PRO B 358 -26.83 8.94 -4.34
CA PRO B 358 -27.62 7.89 -4.99
C PRO B 358 -28.85 8.52 -5.64
N ARG B 359 -28.86 8.49 -6.96
CA ARG B 359 -29.93 9.06 -7.78
C ARG B 359 -31.03 9.78 -7.00
N GLY B 360 -31.94 9.03 -6.40
CA GLY B 360 -33.05 9.66 -5.69
C GLY B 360 -32.87 10.18 -4.27
N LEU B 361 -31.68 10.00 -3.70
CA LEU B 361 -31.44 10.43 -2.34
C LEU B 361 -30.62 11.72 -2.24
N LYS B 362 -30.68 12.36 -1.07
CA LYS B 362 -29.94 13.60 -0.84
C LYS B 362 -28.53 13.37 -0.31
N MET B 363 -28.36 12.39 0.55
CA MET B 363 -27.07 12.11 1.13
C MET B 363 -26.95 10.69 1.65
N SER B 364 -25.90 10.00 1.22
CA SER B 364 -25.60 8.62 1.61
C SER B 364 -24.11 8.49 1.90
N ALA B 365 -23.71 7.29 2.36
CA ALA B 365 -22.30 7.02 2.69
C ALA B 365 -22.05 5.54 2.93
N THR B 366 -21.35 4.93 1.99
CA THR B 366 -21.02 3.52 2.09
C THR B 366 -19.94 3.36 3.16
N PHE B 367 -20.04 2.27 3.90
CA PHE B 367 -19.10 1.97 4.97
C PHE B 367 -18.41 0.67 4.65
N ILE B 368 -17.09 0.69 4.70
CA ILE B 368 -16.32 -0.50 4.43
C ILE B 368 -15.41 -0.70 5.60
N GLY B 369 -15.85 -1.53 6.54
CA GLY B 369 -15.05 -1.77 7.73
C GLY B 369 -14.16 -2.98 7.75
N ASN B 370 -12.92 -2.77 8.21
CA ASN B 370 -11.96 -3.86 8.30
C ASN B 370 -11.79 -4.23 9.76
N SER B 371 -12.86 -4.62 10.42
CA SER B 371 -12.74 -4.95 11.83
C SER B 371 -12.31 -6.36 12.13
N THR B 372 -11.63 -6.48 13.27
CA THR B 372 -11.09 -7.72 13.78
C THR B 372 -12.22 -8.60 14.24
N ALA B 373 -13.42 -8.04 14.22
CA ALA B 373 -14.59 -8.78 14.64
C ALA B 373 -14.87 -9.95 13.74
N ILE B 374 -14.55 -9.81 12.46
CA ILE B 374 -14.84 -10.87 11.52
C ILE B 374 -14.05 -12.11 11.84
N GLN B 375 -13.35 -12.07 12.96
CA GLN B 375 -12.62 -13.24 13.43
C GLN B 375 -13.72 -14.23 13.81
N GLU B 376 -14.66 -13.74 14.59
CA GLU B 376 -15.79 -14.53 15.05
C GLU B 376 -16.74 -14.97 13.96
N LEU B 377 -16.23 -15.27 12.78
CA LEU B 377 -17.10 -15.76 11.71
C LEU B 377 -16.38 -16.89 11.03
N PHE B 378 -15.10 -16.65 10.77
CA PHE B 378 -14.30 -17.67 10.16
C PHE B 378 -14.15 -18.73 11.23
N LYS B 379 -14.30 -18.31 12.48
CA LYS B 379 -14.25 -19.24 13.59
C LYS B 379 -15.42 -20.16 13.34
N ARG B 380 -16.60 -19.57 13.32
CA ARG B 380 -17.85 -20.27 13.07
C ARG B 380 -17.61 -21.29 11.97
N ILE B 381 -17.46 -20.79 10.75
CA ILE B 381 -17.22 -21.63 9.60
C ILE B 381 -16.25 -22.75 9.98
N SER B 382 -15.03 -22.36 10.35
CA SER B 382 -14.01 -23.32 10.70
C SER B 382 -14.50 -24.36 11.68
N GLU B 383 -15.33 -23.96 12.64
CA GLU B 383 -15.87 -24.93 13.59
C GLU B 383 -16.69 -25.98 12.83
N GLN B 384 -17.79 -25.53 12.21
CA GLN B 384 -18.67 -26.40 11.45
C GLN B 384 -17.90 -27.45 10.66
N PHE B 385 -16.78 -27.04 10.09
CA PHE B 385 -15.95 -27.94 9.31
C PHE B 385 -15.55 -29.10 10.19
N THR B 386 -14.57 -28.84 11.05
CA THR B 386 -14.08 -29.85 11.98
C THR B 386 -15.15 -30.79 12.56
N ALA B 387 -16.22 -30.22 13.09
CA ALA B 387 -17.30 -31.02 13.69
C ALA B 387 -17.82 -32.06 12.72
N MET B 388 -17.71 -31.77 11.42
CA MET B 388 -18.17 -32.68 10.39
C MET B 388 -17.03 -33.32 9.63
N PHE B 389 -15.93 -32.63 9.57
CA PHE B 389 -14.81 -33.19 8.87
C PHE B 389 -14.45 -34.40 9.70
N ARG B 390 -14.26 -34.18 11.00
CA ARG B 390 -13.91 -35.28 11.88
C ARG B 390 -14.53 -36.61 11.44
N ARG B 391 -15.79 -36.58 11.00
CA ARG B 391 -16.46 -37.80 10.58
C ARG B 391 -16.52 -37.96 9.06
N LYS B 392 -15.83 -37.07 8.35
CA LYS B 392 -15.76 -37.10 6.88
C LYS B 392 -17.14 -37.08 6.25
N ALA B 393 -18.10 -36.54 6.99
CA ALA B 393 -19.51 -36.46 6.59
C ALA B 393 -19.75 -36.65 5.12
N PHE B 394 -20.08 -35.60 4.39
CA PHE B 394 -20.33 -35.77 2.96
C PHE B 394 -19.03 -35.56 2.21
N LEU B 395 -18.02 -36.30 2.59
CA LEU B 395 -16.74 -36.15 1.95
C LEU B 395 -16.63 -36.96 0.66
N HIS B 396 -17.32 -38.10 0.60
CA HIS B 396 -17.23 -38.92 -0.60
C HIS B 396 -17.65 -38.19 -1.89
N TRP B 397 -18.46 -37.15 -1.75
CA TRP B 397 -18.91 -36.36 -2.89
C TRP B 397 -17.80 -35.45 -3.38
N TYR B 398 -16.76 -35.30 -2.56
CA TYR B 398 -15.64 -34.47 -2.93
C TYR B 398 -14.58 -35.38 -3.51
N THR B 399 -14.04 -36.25 -2.67
CA THR B 399 -13.00 -37.19 -3.10
C THR B 399 -13.43 -37.91 -4.37
N GLY B 400 -14.63 -38.50 -4.34
CA GLY B 400 -15.15 -39.22 -5.49
C GLY B 400 -15.13 -38.36 -6.75
N GLU B 401 -14.82 -37.08 -6.57
CA GLU B 401 -14.75 -36.15 -7.67
C GLU B 401 -13.30 -35.78 -7.92
N GLY B 402 -12.39 -36.60 -7.42
CA GLY B 402 -11.00 -36.31 -7.61
C GLY B 402 -10.63 -35.13 -6.72
N MET B 403 -10.47 -35.42 -5.43
CA MET B 403 -10.10 -34.41 -4.46
C MET B 403 -9.01 -35.06 -3.61
N ASP B 404 -8.69 -34.45 -2.48
CA ASP B 404 -7.65 -34.98 -1.61
C ASP B 404 -8.05 -34.81 -0.14
N GLU B 405 -7.63 -35.76 0.69
CA GLU B 405 -7.94 -35.73 2.12
C GLU B 405 -7.05 -34.69 2.77
N MET B 406 -6.03 -34.27 2.04
CA MET B 406 -5.08 -33.27 2.50
C MET B 406 -5.50 -31.88 2.02
N GLU B 407 -6.41 -31.85 1.04
CA GLU B 407 -6.92 -30.59 0.50
C GLU B 407 -7.78 -29.89 1.54
N PHE B 408 -8.71 -30.64 2.12
CA PHE B 408 -9.58 -30.11 3.14
C PHE B 408 -8.75 -29.70 4.33
N THR B 409 -7.76 -30.51 4.67
CA THR B 409 -6.90 -30.21 5.80
C THR B 409 -6.31 -28.83 5.57
N GLU B 410 -5.69 -28.70 4.41
CA GLU B 410 -5.07 -27.47 3.98
C GLU B 410 -5.93 -26.24 4.25
N ALA B 411 -7.02 -26.14 3.52
CA ALA B 411 -7.94 -25.03 3.66
C ALA B 411 -8.28 -24.69 5.10
N GLU B 412 -8.90 -25.63 5.80
CA GLU B 412 -9.25 -25.34 7.18
C GLU B 412 -8.11 -24.67 7.90
N SER B 413 -6.98 -25.36 7.98
CA SER B 413 -5.81 -24.81 8.64
C SER B 413 -5.62 -23.39 8.18
N ASN B 414 -5.26 -23.22 6.91
CA ASN B 414 -5.07 -21.90 6.32
C ASN B 414 -6.09 -20.94 6.87
N MET B 415 -7.34 -21.08 6.42
CA MET B 415 -8.40 -20.20 6.87
C MET B 415 -8.49 -20.17 8.38
N ASN B 416 -8.11 -21.28 9.03
CA ASN B 416 -8.15 -21.37 10.49
C ASN B 416 -7.07 -20.49 11.10
N ASP B 417 -5.90 -20.46 10.48
CA ASP B 417 -4.79 -19.63 10.92
C ASP B 417 -5.22 -18.19 10.73
N LEU B 418 -5.89 -17.95 9.61
CA LEU B 418 -6.39 -16.64 9.24
C LEU B 418 -7.17 -16.00 10.40
N VAL B 419 -7.81 -16.85 11.21
CA VAL B 419 -8.57 -16.42 12.38
C VAL B 419 -7.56 -15.94 13.41
N SER B 420 -6.57 -16.80 13.63
CA SER B 420 -5.50 -16.51 14.55
C SER B 420 -4.98 -15.08 14.38
N GLU B 421 -4.31 -14.90 13.27
CA GLU B 421 -3.67 -13.62 12.88
C GLU B 421 -4.56 -12.43 13.26
N TYR B 422 -5.76 -12.43 12.74
CA TYR B 422 -6.72 -11.33 12.92
C TYR B 422 -6.86 -10.92 14.39
N GLN B 423 -6.54 -11.85 15.27
CA GLN B 423 -6.62 -11.59 16.73
C GLN B 423 -5.36 -10.85 17.20
N GLN B 424 -4.31 -11.05 16.45
CA GLN B 424 -2.99 -10.45 16.72
C GLN B 424 -3.07 -8.92 16.78
N TYR B 425 -4.22 -8.40 16.38
CA TYR B 425 -4.41 -6.95 16.34
C TYR B 425 -5.52 -6.52 17.30
N GLN B 426 -6.47 -7.41 17.51
CA GLN B 426 -7.54 -7.18 18.49
C GLN B 426 -6.86 -7.00 19.85
N ASP B 427 -5.57 -7.38 19.89
CA ASP B 427 -4.74 -7.29 21.09
C ASP B 427 -3.47 -6.48 20.83
N GLN C 18 23.24 -37.93 24.93
CA GLN C 18 22.32 -38.32 23.82
C GLN C 18 20.98 -37.73 24.07
N LYS C 19 20.94 -36.46 24.51
CA LYS C 19 19.71 -35.80 24.79
C LYS C 19 19.54 -34.72 23.77
N LYS C 20 18.34 -34.11 23.70
CA LYS C 20 18.12 -33.04 22.78
C LYS C 20 18.82 -31.85 23.34
N SER C 21 19.32 -30.95 22.48
CA SER C 21 20.03 -29.81 23.00
C SER C 21 19.49 -28.59 22.32
N ASN C 22 19.78 -27.41 22.92
CA ASN C 22 19.34 -26.17 22.33
C ASN C 22 20.55 -25.51 21.77
N GLN C 23 20.44 -24.94 20.56
CA GLN C 23 21.57 -24.28 19.96
C GLN C 23 21.07 -23.07 19.23
N ASN C 24 21.93 -22.05 19.13
CA ASN C 24 21.55 -20.82 18.48
C ASN C 24 21.86 -20.91 17.02
N ILE C 25 21.18 -20.09 16.20
CA ILE C 25 21.47 -20.06 14.80
C ILE C 25 22.77 -19.32 14.69
N GLN C 26 23.75 -19.90 13.97
CA GLN C 26 25.02 -19.24 13.85
C GLN C 26 24.93 -18.25 12.74
N VAL C 27 25.58 -17.07 12.92
CA VAL C 27 25.52 -16.08 11.88
C VAL C 27 26.91 -15.61 11.62
N TYR C 28 27.25 -15.50 10.32
CA TYR C 28 28.56 -15.02 9.93
C TYR C 28 28.31 -13.95 8.92
N VAL C 29 29.23 -12.97 8.84
CA VAL C 29 29.09 -11.94 7.86
C VAL C 29 30.29 -12.00 6.98
N ARG C 30 30.06 -11.90 5.65
CA ARG C 30 31.17 -11.93 4.74
C ARG C 30 31.11 -10.68 3.91
N VAL C 31 32.25 -9.94 3.86
CA VAL C 31 32.29 -8.74 3.09
C VAL C 31 33.06 -9.06 1.85
N ARG C 32 32.51 -8.66 0.68
CA ARG C 32 33.18 -8.93 -0.55
C ARG C 32 34.12 -7.80 -0.82
N PRO C 33 35.07 -8.03 -1.65
CA PRO C 33 36.00 -6.98 -2.00
C PRO C 33 35.31 -6.01 -2.91
N LEU C 34 35.84 -4.78 -3.04
CA LEU C 34 35.21 -3.82 -3.90
C LEU C 34 35.40 -4.29 -5.29
N ASN C 35 34.34 -4.18 -6.12
CA ASN C 35 34.52 -4.59 -7.47
C ASN C 35 35.02 -3.37 -8.14
N SER C 36 35.44 -3.51 -9.39
CA SER C 36 35.89 -2.33 -10.04
C SER C 36 34.73 -1.46 -10.34
N ARG C 37 33.52 -1.98 -10.06
CA ARG C 37 32.31 -1.26 -10.27
C ARG C 37 32.44 0.02 -9.51
N GLU C 38 32.63 -0.14 -8.20
CA GLU C 38 32.74 0.87 -7.21
C GLU C 38 34.11 1.47 -7.24
N ARG C 39 35.12 0.72 -7.70
CA ARG C 39 36.45 1.27 -7.74
C ARG C 39 36.45 2.50 -8.63
N CYS C 40 35.88 2.38 -9.84
CA CYS C 40 35.90 3.47 -10.78
C CYS C 40 35.12 4.61 -10.22
N ILE C 41 33.98 4.30 -9.60
CA ILE C 41 33.14 5.30 -9.00
C ILE C 41 33.93 5.91 -7.88
N ARG C 42 34.97 5.20 -7.41
CA ARG C 42 35.84 5.73 -6.40
C ARG C 42 35.17 5.68 -5.07
N SER C 43 34.35 4.64 -4.86
CA SER C 43 33.72 4.46 -3.59
C SER C 43 34.80 4.13 -2.61
N ALA C 44 34.52 4.33 -1.31
CA ALA C 44 35.52 4.04 -0.30
C ALA C 44 35.06 2.85 0.47
N GLU C 45 36.03 2.07 0.99
CA GLU C 45 35.74 0.88 1.74
C GLU C 45 35.40 1.28 3.15
N VAL C 46 34.10 1.19 3.50
CA VAL C 46 33.50 1.59 4.75
C VAL C 46 33.75 0.67 5.92
N VAL C 47 33.95 -0.64 5.66
CA VAL C 47 34.02 -1.68 6.64
C VAL C 47 35.27 -1.57 7.47
N ASP C 48 35.17 -1.68 8.80
CA ASP C 48 36.43 -1.74 9.49
C ASP C 48 36.30 -2.80 10.52
N VAL C 49 37.30 -3.69 10.57
CA VAL C 49 37.12 -4.84 11.40
C VAL C 49 37.95 -4.78 12.62
N VAL C 50 37.38 -5.35 13.72
CA VAL C 50 38.06 -5.49 14.96
C VAL C 50 37.93 -6.93 15.34
N GLY C 51 39.04 -7.59 15.71
CA GLY C 51 38.95 -8.96 16.11
C GLY C 51 38.44 -9.73 14.93
N PRO C 52 38.25 -11.00 15.15
CA PRO C 52 37.69 -11.89 14.17
C PRO C 52 36.19 -11.89 14.07
N ARG C 53 35.46 -11.22 14.98
CA ARG C 53 34.04 -11.38 14.92
C ARG C 53 33.31 -10.07 14.95
N GLU C 54 33.99 -8.93 14.74
CA GLU C 54 33.23 -7.72 14.82
C GLU C 54 33.56 -6.85 13.66
N VAL C 55 32.53 -6.11 13.18
CA VAL C 55 32.70 -5.21 12.08
C VAL C 55 32.06 -3.94 12.48
N VAL C 56 32.63 -2.82 12.04
CA VAL C 56 32.07 -1.58 12.44
C VAL C 56 31.86 -0.75 11.22
N THR C 57 30.69 -0.09 11.14
CA THR C 57 30.48 0.75 10.00
C THR C 57 29.98 2.06 10.49
N ARG C 58 30.78 3.13 10.24
CA ARG C 58 30.38 4.50 10.45
C ARG C 58 31.61 5.32 10.46
N HIS C 59 31.57 6.47 9.75
CA HIS C 59 32.71 7.32 9.69
C HIS C 59 33.74 6.78 8.78
N THR C 60 35.02 6.97 9.17
CA THR C 60 36.12 6.61 8.34
C THR C 60 36.04 5.16 8.06
N LEU C 61 36.95 4.72 7.17
CA LEU C 61 37.03 3.36 6.73
C LEU C 61 37.34 2.58 7.97
N ASP C 62 38.10 3.22 8.86
CA ASP C 62 38.57 2.60 10.08
C ASP C 62 37.37 2.34 10.95
N SER C 63 37.60 1.53 12.00
CA SER C 63 36.67 1.03 12.97
C SER C 63 36.18 2.17 13.79
N LYS C 64 36.60 3.40 13.45
CA LYS C 64 36.23 4.50 14.27
C LYS C 64 34.84 4.96 13.98
N LEU C 65 34.14 5.34 15.07
CA LEU C 65 32.83 5.91 15.24
C LEU C 65 31.82 5.24 14.43
N THR C 66 31.59 3.97 14.79
CA THR C 66 30.73 3.12 14.06
C THR C 66 29.81 2.48 15.04
N LYS C 67 28.80 1.80 14.49
CA LYS C 67 28.03 0.92 15.31
C LYS C 67 28.87 -0.30 15.35
N LYS C 68 28.69 -1.15 16.38
CA LYS C 68 29.50 -2.33 16.44
C LYS C 68 28.59 -3.50 16.31
N PHE C 69 28.93 -4.43 15.40
CA PHE C 69 28.13 -5.61 15.25
C PHE C 69 29.01 -6.79 15.55
N THR C 70 28.54 -7.71 16.40
CA THR C 70 29.37 -8.85 16.72
C THR C 70 28.68 -10.08 16.23
N PHE C 71 29.44 -10.98 15.55
CA PHE C 71 28.85 -12.16 14.99
C PHE C 71 29.70 -13.33 15.33
N ASP C 72 29.27 -14.54 14.89
CA ASP C 72 30.04 -15.71 15.18
C ASP C 72 31.40 -15.53 14.55
N ARG C 73 31.43 -14.99 13.31
CA ARG C 73 32.67 -14.73 12.64
C ARG C 73 32.41 -13.64 11.62
N SER C 74 33.45 -12.83 11.33
CA SER C 74 33.33 -11.86 10.29
C SER C 74 34.42 -12.16 9.32
N PHE C 75 34.09 -12.26 8.02
CA PHE C 75 35.09 -12.61 7.05
C PHE C 75 35.36 -11.39 6.21
N GLY C 76 36.64 -11.00 6.09
CA GLY C 76 36.99 -9.85 5.31
C GLY C 76 37.11 -10.25 3.88
N PRO C 77 37.24 -9.27 3.03
CA PRO C 77 37.32 -9.46 1.61
C PRO C 77 38.43 -10.40 1.22
N GLU C 78 39.50 -10.50 2.02
CA GLU C 78 40.64 -11.32 1.70
C GLU C 78 40.27 -12.76 1.76
N SER C 79 39.34 -13.13 2.67
CA SER C 79 38.98 -14.48 2.96
C SER C 79 38.65 -15.28 1.72
N LYS C 80 39.24 -16.48 1.62
CA LYS C 80 39.07 -17.36 0.51
C LYS C 80 37.83 -18.16 0.70
N GLN C 81 37.33 -18.77 -0.39
CA GLN C 81 36.14 -19.56 -0.37
C GLN C 81 36.35 -20.70 0.56
N CYS C 82 37.55 -21.30 0.51
CA CYS C 82 37.82 -22.45 1.32
C CYS C 82 37.71 -22.09 2.76
N ASP C 83 38.17 -20.88 3.13
CA ASP C 83 38.15 -20.46 4.51
C ASP C 83 36.73 -20.41 4.98
N VAL C 84 35.83 -19.85 4.14
CA VAL C 84 34.46 -19.71 4.54
C VAL C 84 33.89 -21.07 4.78
N TYR C 85 34.19 -22.02 3.87
CA TYR C 85 33.63 -23.35 3.95
C TYR C 85 34.08 -24.02 5.21
N SER C 86 35.39 -23.96 5.50
CA SER C 86 35.90 -24.68 6.64
C SER C 86 35.30 -24.13 7.89
N VAL C 87 35.25 -22.79 8.00
CA VAL C 87 34.72 -22.28 9.23
C VAL C 87 33.27 -22.65 9.38
N VAL C 88 32.42 -22.19 8.43
CA VAL C 88 31.00 -22.37 8.56
C VAL C 88 30.40 -23.72 8.21
N VAL C 89 30.63 -24.18 6.97
CA VAL C 89 29.97 -25.31 6.38
C VAL C 89 30.42 -26.66 6.89
N SER C 90 31.74 -26.85 7.07
CA SER C 90 32.24 -28.16 7.37
C SER C 90 31.59 -28.74 8.59
N PRO C 91 31.36 -27.96 9.62
CA PRO C 91 30.73 -28.53 10.78
C PRO C 91 29.34 -28.99 10.52
N LEU C 92 28.60 -28.31 9.63
CA LEU C 92 27.26 -28.70 9.34
C LEU C 92 27.26 -30.03 8.65
N ILE C 93 28.23 -30.27 7.75
CA ILE C 93 28.28 -31.52 7.06
C ILE C 93 28.52 -32.63 8.04
N GLU C 94 29.41 -32.42 9.03
CA GLU C 94 29.64 -33.47 9.98
C GLU C 94 28.36 -33.75 10.71
N GLU C 95 27.60 -32.70 11.06
CA GLU C 95 26.39 -32.83 11.83
C GLU C 95 25.37 -33.63 11.05
N VAL C 96 25.20 -33.37 9.74
CA VAL C 96 24.23 -34.09 8.97
C VAL C 96 24.62 -35.53 8.94
N LEU C 97 25.94 -35.78 8.89
CA LEU C 97 26.45 -37.10 8.85
C LEU C 97 26.05 -37.78 10.12
N ASN C 98 25.95 -36.97 11.19
CA ASN C 98 25.56 -37.35 12.53
C ASN C 98 24.10 -37.68 12.57
N GLY C 99 23.30 -37.20 11.59
CA GLY C 99 21.91 -37.49 11.63
C GLY C 99 21.12 -36.32 12.11
N TYR C 100 21.70 -35.11 11.99
CA TYR C 100 21.02 -33.90 12.34
C TYR C 100 20.64 -33.24 11.06
N ASN C 101 19.55 -32.46 11.10
CA ASN C 101 19.16 -31.70 9.96
C ASN C 101 19.99 -30.44 9.98
N CYS C 102 20.41 -29.94 8.80
CA CYS C 102 21.23 -28.75 8.79
C CYS C 102 20.81 -27.86 7.66
N THR C 103 20.92 -26.52 7.85
CA THR C 103 20.57 -25.62 6.79
C THR C 103 21.53 -24.47 6.76
N VAL C 104 21.87 -24.01 5.55
CA VAL C 104 22.72 -22.85 5.43
C VAL C 104 22.12 -21.98 4.37
N PHE C 105 21.95 -20.67 4.66
CA PHE C 105 21.48 -19.86 3.57
C PHE C 105 22.19 -18.55 3.52
N ALA C 106 22.27 -18.00 2.29
CA ALA C 106 22.94 -16.75 2.05
C ALA C 106 21.90 -15.68 1.94
N TYR C 107 22.15 -14.55 2.65
CA TYR C 107 21.23 -13.45 2.72
C TYR C 107 21.96 -12.16 2.47
N GLY C 108 21.37 -11.24 1.68
CA GLY C 108 22.03 -9.99 1.43
C GLY C 108 21.49 -9.39 0.17
N GLN C 109 21.86 -8.13 -0.09
CA GLN C 109 21.44 -7.33 -1.22
C GLN C 109 22.00 -7.95 -2.46
N THR C 110 21.35 -7.68 -3.62
CA THR C 110 21.79 -8.24 -4.86
C THR C 110 23.17 -7.70 -5.15
N GLY C 111 24.10 -8.60 -5.58
CA GLY C 111 25.43 -8.22 -5.95
C GLY C 111 26.35 -8.25 -4.76
N THR C 112 25.82 -8.60 -3.58
CA THR C 112 26.61 -8.63 -2.38
C THR C 112 27.50 -9.84 -2.34
N GLY C 113 27.18 -10.91 -3.10
CA GLY C 113 28.06 -12.06 -3.10
C GLY C 113 27.41 -13.34 -2.64
N LYS C 114 26.06 -13.41 -2.60
CA LYS C 114 25.42 -14.62 -2.14
C LYS C 114 25.71 -15.79 -3.04
N THR C 115 25.60 -15.62 -4.37
CA THR C 115 25.80 -16.71 -5.29
C THR C 115 27.25 -17.12 -5.26
N HIS C 116 28.14 -16.13 -5.16
CA HIS C 116 29.55 -16.39 -5.16
C HIS C 116 29.86 -17.29 -4.00
N THR C 117 29.28 -16.98 -2.82
CA THR C 117 29.55 -17.79 -1.66
C THR C 117 28.96 -19.17 -1.79
N MET C 118 27.66 -19.27 -2.15
CA MET C 118 27.06 -20.58 -2.22
C MET C 118 27.55 -21.41 -3.38
N VAL C 119 27.50 -20.89 -4.63
CA VAL C 119 27.99 -21.63 -5.77
C VAL C 119 29.45 -21.43 -6.09
N GLY C 120 29.88 -20.16 -6.22
CA GLY C 120 31.21 -19.84 -6.65
C GLY C 120 31.34 -20.30 -8.08
N ASN C 121 32.57 -20.49 -8.57
CA ASN C 121 32.65 -21.10 -9.87
C ASN C 121 32.31 -22.51 -9.52
N GLU C 122 31.01 -22.84 -9.66
CA GLU C 122 30.50 -24.07 -9.15
C GLU C 122 31.01 -25.28 -9.85
N THR C 123 30.81 -25.33 -11.17
CA THR C 123 31.17 -26.52 -11.89
C THR C 123 31.57 -26.07 -13.23
N ALA C 124 31.65 -27.00 -14.19
CA ALA C 124 32.02 -26.59 -15.51
C ALA C 124 31.00 -25.61 -15.94
N GLU C 125 31.47 -24.42 -16.36
CA GLU C 125 30.63 -23.36 -16.79
C GLU C 125 31.15 -23.02 -18.14
N LEU C 126 30.43 -22.20 -18.91
CA LEU C 126 31.02 -21.85 -20.16
C LEU C 126 32.08 -20.88 -19.84
N LYS C 127 33.29 -21.42 -19.60
CA LYS C 127 34.45 -20.66 -19.26
C LYS C 127 35.57 -21.64 -19.39
N SER C 128 36.82 -21.16 -19.28
CA SER C 128 37.92 -22.06 -19.41
C SER C 128 37.89 -23.02 -18.28
N SER C 129 37.40 -22.56 -17.10
CA SER C 129 37.40 -23.37 -15.91
C SER C 129 36.18 -24.24 -15.86
N TRP C 130 36.08 -25.03 -14.76
CA TRP C 130 35.03 -25.97 -14.49
C TRP C 130 34.60 -25.77 -13.06
N GLU C 131 34.68 -26.84 -12.26
CA GLU C 131 34.37 -26.88 -10.88
C GLU C 131 35.20 -25.82 -10.25
N ASP C 132 36.41 -25.53 -10.77
CA ASP C 132 37.25 -24.50 -10.20
C ASP C 132 37.39 -24.68 -8.73
N ASP C 133 38.38 -25.50 -8.35
CA ASP C 133 38.64 -25.83 -6.98
C ASP C 133 38.85 -24.56 -6.20
N SER C 134 39.58 -23.59 -6.76
CA SER C 134 39.82 -22.37 -6.04
C SER C 134 38.54 -21.64 -5.79
N ASP C 135 37.78 -21.37 -6.86
CA ASP C 135 36.57 -20.59 -6.86
C ASP C 135 35.37 -21.26 -6.24
N ILE C 136 35.32 -22.60 -6.24
CA ILE C 136 34.20 -23.38 -5.73
C ILE C 136 33.58 -22.79 -4.50
N GLY C 137 32.23 -22.77 -4.46
CA GLY C 137 31.50 -22.24 -3.35
C GLY C 137 31.17 -23.35 -2.39
N ILE C 138 30.25 -23.05 -1.44
CA ILE C 138 29.87 -23.93 -0.38
C ILE C 138 29.21 -25.19 -0.89
N ILE C 139 28.26 -25.09 -1.83
CA ILE C 139 27.54 -26.27 -2.23
C ILE C 139 28.46 -27.29 -2.84
N PRO C 140 29.28 -26.95 -3.77
CA PRO C 140 30.15 -27.92 -4.39
C PRO C 140 31.13 -28.48 -3.40
N ARG C 141 31.59 -27.67 -2.42
CA ARG C 141 32.53 -28.17 -1.45
C ARG C 141 31.86 -29.18 -0.59
N ALA C 142 30.60 -28.90 -0.21
CA ALA C 142 29.88 -29.79 0.66
C ALA C 142 29.73 -31.09 -0.04
N LEU C 143 29.46 -31.05 -1.36
CA LEU C 143 29.24 -32.28 -2.08
C LEU C 143 30.46 -33.14 -2.04
N SER C 144 31.65 -32.54 -2.27
CA SER C 144 32.85 -33.32 -2.26
C SER C 144 33.10 -33.84 -0.88
N HIS C 145 32.82 -33.00 0.13
CA HIS C 145 33.07 -33.28 1.51
C HIS C 145 32.26 -34.45 1.98
N LEU C 146 31.00 -34.53 1.55
CA LEU C 146 30.12 -35.57 1.98
C LEU C 146 30.71 -36.89 1.58
N PHE C 147 31.13 -36.99 0.31
CA PHE C 147 31.63 -38.23 -0.20
C PHE C 147 32.89 -38.64 0.48
N ASP C 148 33.83 -37.71 0.69
CA ASP C 148 35.07 -38.17 1.26
C ASP C 148 34.82 -38.69 2.64
N GLU C 149 33.95 -38.02 3.43
CA GLU C 149 33.73 -38.44 4.79
C GLU C 149 33.05 -39.77 4.81
N LEU C 150 32.08 -39.97 3.90
CA LEU C 150 31.25 -41.15 3.81
C LEU C 150 32.12 -42.33 3.55
N ARG C 151 33.16 -42.15 2.72
CA ARG C 151 34.01 -43.24 2.35
C ARG C 151 34.58 -43.83 3.60
N MET C 152 34.95 -42.98 4.55
CA MET C 152 35.60 -43.45 5.74
C MET C 152 34.69 -44.34 6.55
N MET C 153 33.38 -44.03 6.67
CA MET C 153 32.56 -44.83 7.54
C MET C 153 31.96 -46.00 6.82
N GLU C 154 31.97 -47.18 7.48
CA GLU C 154 31.53 -48.46 6.98
C GLU C 154 30.03 -48.55 6.85
N VAL C 155 29.26 -47.92 7.74
CA VAL C 155 27.83 -48.01 7.74
C VAL C 155 27.30 -47.61 6.38
N GLU C 156 26.06 -48.04 6.06
CA GLU C 156 25.43 -47.86 4.77
C GLU C 156 25.01 -46.43 4.58
N TYR C 157 25.15 -45.92 3.33
CA TYR C 157 24.78 -44.57 3.00
C TYR C 157 23.89 -44.55 1.79
N THR C 158 22.82 -43.72 1.83
CA THR C 158 21.99 -43.51 0.67
C THR C 158 21.76 -42.02 0.57
N MET C 159 21.95 -41.42 -0.63
CA MET C 159 21.77 -40.00 -0.74
C MET C 159 21.00 -39.65 -1.98
N ARG C 160 20.06 -38.68 -1.84
CA ARG C 160 19.26 -38.24 -2.94
C ARG C 160 19.30 -36.73 -2.94
N ILE C 161 19.20 -36.11 -4.13
CA ILE C 161 19.29 -34.67 -4.20
C ILE C 161 18.10 -34.13 -4.94
N SER C 162 17.69 -32.88 -4.59
CA SER C 162 16.61 -32.20 -5.22
C SER C 162 17.04 -30.78 -5.46
N TYR C 163 16.51 -30.12 -6.51
CA TYR C 163 16.90 -28.77 -6.80
C TYR C 163 15.67 -28.03 -7.27
N LEU C 164 15.23 -27.01 -6.53
CA LEU C 164 13.99 -26.32 -6.79
C LEU C 164 14.20 -24.84 -6.66
N GLU C 165 13.27 -24.04 -7.22
CA GLU C 165 13.38 -22.62 -7.05
C GLU C 165 12.04 -22.08 -6.71
N LEU C 166 12.03 -20.93 -5.99
CA LEU C 166 10.80 -20.30 -5.61
C LEU C 166 10.82 -18.93 -6.24
N TYR C 167 9.81 -18.66 -7.09
CA TYR C 167 9.67 -17.41 -7.76
C TYR C 167 8.23 -17.04 -7.66
N ASN C 168 7.92 -15.82 -7.18
CA ASN C 168 6.56 -15.36 -7.06
C ASN C 168 5.73 -16.38 -6.34
N GLU C 169 6.27 -16.94 -5.25
CA GLU C 169 5.57 -17.85 -4.39
C GLU C 169 5.16 -19.08 -5.14
N GLU C 170 5.90 -19.43 -6.22
CA GLU C 170 5.57 -20.65 -6.91
C GLU C 170 6.82 -21.48 -6.96
N LEU C 171 6.68 -22.80 -6.73
CA LEU C 171 7.83 -23.67 -6.70
C LEU C 171 7.95 -24.38 -8.01
N CYS C 172 9.13 -24.27 -8.67
CA CYS C 172 9.34 -24.96 -9.91
C CYS C 172 10.52 -25.87 -9.74
N ASP C 173 10.38 -27.10 -10.26
CA ASP C 173 11.41 -28.12 -10.16
C ASP C 173 12.45 -27.86 -11.20
N LEU C 174 13.71 -27.65 -10.77
CA LEU C 174 14.81 -27.39 -11.65
C LEU C 174 15.19 -28.62 -12.43
N LEU C 175 14.98 -29.81 -11.84
CA LEU C 175 15.23 -31.08 -12.47
C LEU C 175 14.18 -31.35 -13.51
N SER C 176 12.95 -30.85 -13.30
CA SER C 176 11.93 -31.01 -14.30
C SER C 176 11.19 -29.71 -14.36
N THR C 177 11.43 -28.93 -15.43
CA THR C 177 10.87 -27.65 -15.66
C THR C 177 9.41 -27.80 -15.96
N ASP C 178 9.00 -29.00 -16.41
CA ASP C 178 7.65 -29.27 -16.83
C ASP C 178 6.70 -29.00 -15.70
N ASP C 179 7.04 -29.38 -14.44
CA ASP C 179 6.14 -29.01 -13.39
C ASP C 179 6.53 -27.61 -13.14
N THR C 180 6.12 -26.75 -14.09
CA THR C 180 6.68 -25.45 -14.03
C THR C 180 6.23 -24.75 -12.84
N THR C 181 4.93 -24.45 -12.87
CA THR C 181 4.46 -23.49 -11.95
C THR C 181 4.44 -23.93 -10.55
N LYS C 182 3.87 -25.08 -10.23
CA LYS C 182 3.78 -25.12 -8.81
C LYS C 182 3.72 -26.49 -8.27
N ILE C 183 4.61 -26.69 -7.31
CA ILE C 183 4.66 -27.87 -6.51
C ILE C 183 4.11 -27.40 -5.23
N ARG C 184 3.36 -28.23 -4.50
CA ARG C 184 2.86 -27.69 -3.28
C ARG C 184 3.55 -28.32 -2.13
N ILE C 185 3.38 -27.72 -0.92
CA ILE C 185 4.06 -28.19 0.26
C ILE C 185 3.11 -29.02 1.05
N PHE C 186 3.59 -30.20 1.52
CA PHE C 186 2.78 -31.06 2.34
C PHE C 186 3.59 -31.39 3.55
N ASP C 187 3.02 -32.12 4.51
CA ASP C 187 3.79 -32.46 5.66
C ASP C 187 4.10 -33.92 5.62
N ASP C 188 5.32 -34.26 6.08
CA ASP C 188 5.73 -35.62 6.12
C ASP C 188 4.96 -36.26 7.25
N SER C 189 4.79 -37.58 7.21
CA SER C 189 4.04 -38.25 8.24
C SER C 189 4.77 -38.05 9.53
N THR C 190 6.10 -38.08 9.46
CA THR C 190 6.88 -37.89 10.65
C THR C 190 6.62 -36.51 11.12
N LYS C 191 6.46 -35.59 10.16
CA LYS C 191 6.26 -34.20 10.44
C LYS C 191 7.58 -33.63 10.89
N LYS C 192 8.52 -34.52 11.30
CA LYS C 192 9.88 -34.23 11.62
C LYS C 192 10.47 -33.95 10.29
N GLY C 193 10.06 -34.77 9.32
CA GLY C 193 10.47 -34.54 7.97
C GLY C 193 9.89 -33.20 7.71
N SER C 194 8.65 -33.00 8.22
CA SER C 194 7.97 -31.74 8.24
C SER C 194 7.48 -31.42 6.88
N VAL C 195 7.22 -30.13 6.64
CA VAL C 195 6.73 -29.73 5.37
C VAL C 195 7.76 -30.07 4.35
N ILE C 196 7.28 -30.58 3.21
CA ILE C 196 8.12 -31.02 2.15
C ILE C 196 7.50 -30.57 0.88
N ILE C 197 8.33 -30.49 -0.18
CA ILE C 197 7.86 -30.14 -1.49
C ILE C 197 7.46 -31.46 -2.09
N GLN C 198 6.17 -31.61 -2.46
CA GLN C 198 5.76 -32.90 -2.95
C GLN C 198 5.84 -32.94 -4.44
N GLY C 199 6.30 -34.09 -4.98
CA GLY C 199 6.35 -34.30 -6.39
C GLY C 199 7.62 -33.71 -6.95
N LEU C 200 8.54 -33.30 -6.05
CA LEU C 200 9.80 -32.73 -6.44
C LEU C 200 10.68 -33.88 -6.87
N GLU C 201 11.48 -33.73 -7.96
CA GLU C 201 12.27 -34.86 -8.36
C GLU C 201 13.40 -35.06 -7.39
N GLU C 202 13.69 -36.34 -7.10
CA GLU C 202 14.77 -36.66 -6.19
C GLU C 202 15.66 -37.63 -6.90
N ILE C 203 16.96 -37.30 -7.03
CA ILE C 203 17.82 -38.21 -7.73
C ILE C 203 18.82 -38.80 -6.79
N PRO C 204 18.92 -40.10 -6.85
CA PRO C 204 19.91 -40.76 -6.03
C PRO C 204 21.26 -40.54 -6.64
N VAL C 205 22.30 -40.35 -5.80
CA VAL C 205 23.62 -40.10 -6.32
C VAL C 205 24.58 -40.96 -5.56
N HIS C 206 25.71 -41.36 -6.21
CA HIS C 206 26.66 -42.18 -5.51
C HIS C 206 28.02 -41.57 -5.64
N SER C 207 28.14 -40.43 -6.36
CA SER C 207 29.44 -39.85 -6.53
C SER C 207 29.29 -38.37 -6.57
N LYS C 208 30.38 -37.62 -6.32
CA LYS C 208 30.27 -36.20 -6.35
C LYS C 208 29.92 -35.79 -7.74
N ASP C 209 30.49 -36.49 -8.74
CA ASP C 209 30.29 -36.08 -10.10
C ASP C 209 28.83 -36.11 -10.44
N ASP C 210 28.09 -37.16 -10.03
CA ASP C 210 26.72 -37.18 -10.44
C ASP C 210 25.96 -36.06 -9.79
N VAL C 211 26.35 -35.65 -8.58
CA VAL C 211 25.68 -34.58 -7.91
C VAL C 211 25.93 -33.31 -8.69
N TYR C 212 27.18 -33.10 -9.12
CA TYR C 212 27.54 -31.90 -9.85
C TYR C 212 26.75 -31.85 -11.12
N LYS C 213 26.55 -33.01 -11.77
CA LYS C 213 25.84 -33.05 -13.01
C LYS C 213 24.46 -32.55 -12.79
N LEU C 214 23.85 -32.90 -11.65
CA LEU C 214 22.50 -32.51 -11.37
C LEU C 214 22.47 -31.01 -11.29
N LEU C 215 23.47 -30.43 -10.60
CA LEU C 215 23.53 -29.01 -10.39
C LEU C 215 23.65 -28.35 -11.72
N GLU C 216 24.49 -28.88 -12.62
CA GLU C 216 24.64 -28.22 -13.88
C GLU C 216 23.35 -28.29 -14.60
N LYS C 217 22.64 -29.43 -14.51
CA LYS C 217 21.41 -29.58 -15.23
C LYS C 217 20.46 -28.53 -14.77
N GLY C 218 20.36 -28.35 -13.44
CA GLY C 218 19.41 -27.43 -12.88
C GLY C 218 19.74 -26.03 -13.30
N LYS C 219 21.03 -25.68 -13.30
CA LYS C 219 21.41 -24.32 -13.59
C LYS C 219 20.97 -24.00 -14.99
N GLU C 220 21.20 -24.93 -15.92
CA GLU C 220 20.89 -24.73 -17.31
C GLU C 220 19.41 -24.65 -17.52
N ARG C 221 18.65 -25.52 -16.84
CA ARG C 221 17.23 -25.64 -17.03
C ARG C 221 16.52 -24.40 -16.58
N ARG C 222 17.10 -23.66 -15.62
CA ARG C 222 16.47 -22.51 -15.05
C ARG C 222 16.24 -21.46 -16.08
N LYS C 223 17.11 -21.40 -17.10
CA LYS C 223 17.04 -20.43 -18.16
C LYS C 223 15.78 -20.63 -18.95
N THR C 224 15.27 -21.88 -19.04
CA THR C 224 14.12 -22.13 -19.86
C THR C 224 12.98 -21.28 -19.38
N ALA C 225 12.39 -20.53 -20.33
CA ALA C 225 11.27 -19.65 -20.10
C ALA C 225 11.64 -18.55 -19.16
N THR C 226 12.94 -18.26 -18.99
CA THR C 226 13.31 -17.23 -18.06
C THR C 226 12.83 -15.89 -18.49
N THR C 227 13.29 -15.41 -19.67
CA THR C 227 12.99 -14.12 -20.23
C THR C 227 13.85 -13.05 -19.62
N LEU C 228 14.49 -13.28 -18.45
CA LEU C 228 15.39 -12.32 -17.88
C LEU C 228 16.11 -12.96 -16.73
N MET C 229 17.30 -13.55 -16.98
CA MET C 229 18.04 -14.22 -15.94
C MET C 229 18.55 -13.30 -14.89
N ASN C 230 19.08 -12.12 -15.27
CA ASN C 230 19.66 -11.27 -14.26
C ASN C 230 18.60 -10.92 -13.27
N ALA C 231 17.45 -10.45 -13.77
CA ALA C 231 16.37 -10.02 -12.93
C ALA C 231 15.81 -11.20 -12.19
N GLN C 232 15.64 -12.34 -12.90
CA GLN C 232 14.97 -13.48 -12.36
C GLN C 232 15.69 -14.01 -11.17
N SER C 233 17.03 -14.16 -11.27
CA SER C 233 17.77 -14.75 -10.20
C SER C 233 17.76 -13.86 -9.00
N SER C 234 17.79 -12.53 -9.19
CA SER C 234 17.84 -11.65 -8.05
C SER C 234 16.55 -11.72 -7.27
N ARG C 235 15.44 -11.95 -7.98
CA ARG C 235 14.10 -12.07 -7.47
C ARG C 235 13.75 -13.43 -6.93
N SER C 236 14.49 -14.51 -7.25
CA SER C 236 14.02 -15.81 -6.85
C SER C 236 14.95 -16.48 -5.90
N HIS C 237 14.45 -17.57 -5.25
CA HIS C 237 15.21 -18.29 -4.27
C HIS C 237 15.58 -19.61 -4.89
N THR C 238 16.82 -20.08 -4.65
CA THR C 238 17.17 -21.37 -5.18
C THR C 238 17.53 -22.24 -4.01
N VAL C 239 16.96 -23.47 -3.96
CA VAL C 239 17.22 -24.35 -2.85
C VAL C 239 17.79 -25.65 -3.34
N PHE C 240 18.95 -26.05 -2.81
CA PHE C 240 19.56 -27.30 -3.17
C PHE C 240 19.43 -28.15 -1.94
N SER C 241 18.80 -29.33 -2.07
CA SER C 241 18.61 -30.13 -0.89
C SER C 241 19.24 -31.47 -1.07
N ILE C 242 19.90 -31.96 0.01
CA ILE C 242 20.53 -33.24 -0.01
C ILE C 242 19.95 -34.01 1.13
N VAL C 243 19.35 -35.17 0.84
CA VAL C 243 18.81 -35.97 1.92
C VAL C 243 19.77 -37.09 2.12
N VAL C 244 20.21 -37.29 3.39
CA VAL C 244 21.16 -38.33 3.67
C VAL C 244 20.54 -39.32 4.61
N HIS C 245 20.55 -40.61 4.23
CA HIS C 245 20.00 -41.65 5.06
C HIS C 245 21.10 -42.63 5.22
N ILE C 246 21.23 -43.22 6.44
CA ILE C 246 22.29 -44.15 6.59
C ILE C 246 21.96 -45.08 7.69
N ARG C 247 22.51 -46.31 7.62
CA ARG C 247 22.43 -47.06 8.81
C ARG C 247 23.70 -46.62 9.47
N GLU C 248 23.83 -45.32 9.82
CA GLU C 248 25.06 -44.98 10.46
C GLU C 248 25.05 -45.60 11.81
N ASN C 249 26.14 -46.32 12.13
CA ASN C 249 26.29 -47.02 13.36
C ASN C 249 25.14 -47.94 13.54
N GLY C 250 24.79 -48.72 12.50
CA GLY C 250 23.73 -49.63 12.74
C GLY C 250 23.91 -50.87 11.93
N ILE C 251 25.16 -51.27 11.63
CA ILE C 251 25.31 -52.44 10.83
C ILE C 251 24.83 -53.66 11.58
N GLU C 252 25.38 -53.90 12.80
CA GLU C 252 24.97 -55.04 13.57
C GLU C 252 23.63 -54.79 14.21
N GLY C 253 23.50 -53.61 14.84
CA GLY C 253 22.38 -53.17 15.63
C GLY C 253 21.16 -52.99 14.80
N GLU C 254 21.33 -52.54 13.55
CA GLU C 254 20.23 -52.24 12.68
C GLU C 254 19.57 -50.97 13.13
N ASP C 255 20.24 -50.18 14.01
CA ASP C 255 19.71 -48.88 14.33
C ASP C 255 20.23 -48.00 13.25
N MET C 256 19.42 -47.04 12.80
CA MET C 256 19.97 -46.21 11.80
C MET C 256 20.12 -44.86 12.39
N LEU C 257 21.16 -44.15 11.94
CA LEU C 257 21.30 -42.84 12.41
C LEU C 257 20.24 -42.13 11.72
N LYS C 258 20.58 -41.27 10.79
CA LYS C 258 19.40 -40.56 10.61
C LYS C 258 19.05 -40.42 9.22
N ILE C 259 17.94 -39.70 9.12
CA ILE C 259 17.53 -39.10 7.92
C ILE C 259 17.80 -37.66 8.26
N GLY C 260 18.74 -37.02 7.54
CA GLY C 260 19.04 -35.65 7.81
C GLY C 260 18.89 -34.92 6.52
N LYS C 261 18.26 -33.73 6.58
CA LYS C 261 18.06 -32.96 5.39
C LYS C 261 19.01 -31.81 5.44
N LEU C 262 19.75 -31.59 4.33
CA LEU C 262 20.68 -30.50 4.30
C LEU C 262 20.20 -29.54 3.26
N ASN C 263 19.77 -28.34 3.67
CA ASN C 263 19.26 -27.38 2.72
C ASN C 263 20.30 -26.32 2.53
N LEU C 264 20.62 -26.01 1.25
CA LEU C 264 21.56 -24.99 0.91
C LEU C 264 20.76 -23.96 0.17
N VAL C 265 20.61 -22.74 0.73
CA VAL C 265 19.70 -21.82 0.09
C VAL C 265 20.37 -20.54 -0.30
N ASP C 266 20.05 -20.10 -1.54
CA ASP C 266 20.52 -18.86 -2.09
C ASP C 266 19.30 -18.00 -2.25
N LEU C 267 19.07 -17.09 -1.28
CA LEU C 267 17.88 -16.26 -1.20
C LEU C 267 17.89 -15.17 -2.22
N ALA C 268 16.70 -14.57 -2.44
CA ALA C 268 16.50 -13.47 -3.34
C ALA C 268 17.12 -12.27 -2.69
N GLY C 269 17.35 -11.18 -3.46
CA GLY C 269 18.03 -10.04 -2.91
C GLY C 269 17.19 -9.46 -1.84
N SER C 270 17.81 -8.89 -0.78
CA SER C 270 17.14 -8.26 0.31
C SER C 270 16.95 -6.77 0.14
N ASN C 291 9.37 -8.72 -2.92
CA ASN C 291 9.10 -10.11 -2.66
C ASN C 291 8.48 -10.29 -1.32
N GLN C 292 7.28 -10.85 -1.34
CA GLN C 292 6.53 -11.08 -0.14
C GLN C 292 7.39 -11.92 0.76
N SER C 293 8.14 -12.86 0.16
CA SER C 293 8.92 -13.82 0.88
C SER C 293 9.99 -13.21 1.74
N LEU C 294 10.74 -12.19 1.26
CA LEU C 294 11.78 -11.76 2.16
C LEU C 294 11.25 -10.90 3.25
N LEU C 295 10.14 -10.17 3.02
CA LEU C 295 9.63 -9.45 4.15
C LEU C 295 9.13 -10.45 5.14
N THR C 296 8.48 -11.53 4.66
CA THR C 296 7.94 -12.49 5.57
C THR C 296 9.07 -13.11 6.33
N LEU C 297 10.20 -13.35 5.64
CA LEU C 297 11.33 -13.95 6.29
C LEU C 297 11.81 -13.03 7.38
N GLY C 298 11.82 -11.71 7.10
CA GLY C 298 12.26 -10.77 8.09
C GLY C 298 11.34 -10.84 9.27
N ARG C 299 10.02 -10.93 9.00
CA ARG C 299 9.05 -10.93 10.05
C ARG C 299 9.20 -12.15 10.90
N VAL C 300 9.42 -13.33 10.26
CA VAL C 300 9.53 -14.53 11.03
C VAL C 300 10.73 -14.46 11.92
N ILE C 301 11.84 -13.91 11.42
CA ILE C 301 13.04 -13.83 12.22
C ILE C 301 12.77 -12.97 13.41
N THR C 302 12.08 -11.82 13.21
CA THR C 302 11.83 -10.93 14.29
C THR C 302 10.94 -11.58 15.32
N ALA C 303 9.89 -12.30 14.88
CA ALA C 303 8.99 -12.87 15.84
C ALA C 303 9.72 -13.85 16.69
N LEU C 304 10.56 -14.70 16.07
CA LEU C 304 11.27 -15.70 16.82
C LEU C 304 12.19 -15.02 17.77
N VAL C 305 12.87 -13.95 17.32
CA VAL C 305 13.81 -13.28 18.16
C VAL C 305 13.09 -12.72 19.36
N ASP C 306 11.94 -12.06 19.14
CA ASP C 306 11.22 -11.45 20.23
C ASP C 306 10.65 -12.48 21.16
N ARG C 307 9.90 -13.44 20.62
CA ARG C 307 9.27 -14.40 21.47
C ARG C 307 8.46 -15.24 20.55
N ALA C 308 8.32 -16.52 20.93
CA ALA C 308 7.76 -17.55 20.11
C ALA C 308 6.32 -17.49 19.71
N PRO C 309 5.37 -17.14 20.53
CA PRO C 309 3.98 -17.43 20.26
C PRO C 309 3.43 -17.29 18.87
N HIS C 310 3.59 -16.15 18.17
CA HIS C 310 3.00 -16.11 16.87
C HIS C 310 4.05 -15.93 15.84
N VAL C 311 4.15 -16.85 14.87
CA VAL C 311 5.13 -16.61 13.85
C VAL C 311 4.49 -16.89 12.51
N PRO C 312 4.78 -15.98 11.63
CA PRO C 312 4.22 -15.90 10.29
C PRO C 312 4.74 -16.85 9.24
N TYR C 313 5.10 -18.12 9.56
CA TYR C 313 5.71 -18.99 8.58
C TYR C 313 4.86 -19.16 7.35
N ARG C 314 3.53 -19.29 7.51
CA ARG C 314 2.63 -19.58 6.43
C ARG C 314 2.53 -18.45 5.43
N GLU C 315 3.00 -17.26 5.79
CA GLU C 315 2.89 -16.11 4.93
C GLU C 315 3.52 -16.38 3.60
N SER C 316 4.57 -17.24 3.53
CA SER C 316 5.23 -17.49 2.28
C SER C 316 5.64 -18.94 2.23
N LYS C 317 5.79 -19.49 0.99
CA LYS C 317 6.18 -20.86 0.82
C LYS C 317 7.59 -21.02 1.30
N LEU C 318 8.43 -20.01 1.08
CA LEU C 318 9.83 -20.07 1.44
C LEU C 318 9.89 -20.27 2.92
N THR C 319 9.10 -19.46 3.66
CA THR C 319 9.13 -19.49 5.09
C THR C 319 8.61 -20.80 5.56
N ARG C 320 7.59 -21.35 4.86
CA ARG C 320 7.01 -22.59 5.27
C ARG C 320 8.01 -23.69 5.14
N LEU C 321 8.75 -23.71 4.02
CA LEU C 321 9.72 -24.75 3.76
C LEU C 321 10.81 -24.68 4.79
N LEU C 322 11.30 -23.46 5.05
CA LEU C 322 12.37 -23.17 5.98
C LEU C 322 11.91 -23.25 7.39
N GLN C 323 10.61 -23.52 7.64
CA GLN C 323 10.07 -23.44 8.97
C GLN C 323 10.87 -24.24 9.96
N GLU C 324 11.26 -25.49 9.66
CA GLU C 324 12.00 -26.26 10.64
C GLU C 324 13.36 -25.66 10.87
N SER C 325 13.96 -25.05 9.83
CA SER C 325 15.27 -24.46 9.95
C SER C 325 15.24 -23.30 10.90
N LEU C 326 14.23 -22.42 10.78
CA LEU C 326 14.22 -21.24 11.59
C LEU C 326 13.97 -21.54 13.02
N GLY C 327 12.95 -22.34 13.36
CA GLY C 327 12.78 -22.48 14.78
C GLY C 327 12.54 -23.91 15.15
N GLY C 328 12.88 -24.86 14.25
CA GLY C 328 12.61 -26.26 14.49
C GLY C 328 13.83 -27.03 14.90
N ARG C 329 13.83 -28.34 14.53
CA ARG C 329 14.89 -29.24 14.90
C ARG C 329 15.92 -29.27 13.80
N THR C 330 16.78 -28.23 13.76
CA THR C 330 17.82 -28.19 12.78
C THR C 330 18.90 -27.26 13.24
N LYS C 331 20.14 -27.48 12.77
CA LYS C 331 21.21 -26.59 13.09
C LYS C 331 21.36 -25.70 11.90
N THR C 332 21.10 -24.40 12.09
CA THR C 332 21.06 -23.50 10.97
C THR C 332 22.16 -22.48 11.07
N SER C 333 22.77 -22.15 9.91
CA SER C 333 23.80 -21.15 9.86
C SER C 333 23.43 -20.19 8.76
N ILE C 334 23.58 -18.87 9.03
CA ILE C 334 23.21 -17.85 8.08
C ILE C 334 24.47 -17.13 7.68
N ILE C 335 24.71 -16.97 6.36
CA ILE C 335 25.86 -16.22 5.93
C ILE C 335 25.32 -14.96 5.33
N ALA C 336 25.59 -13.81 5.97
CA ALA C 336 25.06 -12.57 5.44
C ALA C 336 26.14 -11.93 4.65
N THR C 337 25.87 -11.62 3.38
CA THR C 337 26.88 -11.05 2.53
C THR C 337 26.62 -9.58 2.36
N ILE C 338 27.72 -8.79 2.40
CA ILE C 338 27.61 -7.36 2.39
C ILE C 338 28.66 -6.75 1.51
N SER C 339 28.34 -5.57 0.93
CA SER C 339 29.25 -4.82 0.10
C SER C 339 29.89 -3.80 1.00
N PRO C 340 31.18 -3.65 0.90
CA PRO C 340 31.91 -2.69 1.71
C PRO C 340 31.74 -1.29 1.22
N GLY C 341 31.09 -1.09 0.06
CA GLY C 341 31.00 0.22 -0.53
C GLY C 341 30.12 1.13 0.27
N HIS C 342 30.49 2.43 0.30
CA HIS C 342 29.76 3.42 1.04
C HIS C 342 28.45 3.65 0.36
N LYS C 343 28.41 3.46 -0.96
CA LYS C 343 27.21 3.70 -1.70
C LYS C 343 26.14 2.77 -1.21
N ASP C 344 26.50 1.54 -0.78
CA ASP C 344 25.50 0.59 -0.37
C ASP C 344 25.39 0.55 1.13
N ILE C 345 25.72 1.64 1.83
CA ILE C 345 25.75 1.55 3.27
C ILE C 345 24.41 1.24 3.87
N GLU C 346 23.30 1.80 3.33
CA GLU C 346 22.00 1.61 3.91
C GLU C 346 21.61 0.17 3.89
N GLU C 347 21.82 -0.52 2.75
CA GLU C 347 21.43 -1.89 2.62
C GLU C 347 22.29 -2.72 3.54
N THR C 348 23.58 -2.37 3.66
CA THR C 348 24.46 -3.13 4.49
C THR C 348 23.94 -3.10 5.90
N LEU C 349 23.54 -1.92 6.36
CA LEU C 349 23.07 -1.79 7.71
C LEU C 349 21.88 -2.69 7.86
N SER C 350 20.97 -2.68 6.87
CA SER C 350 19.78 -3.46 7.00
C SER C 350 20.15 -4.91 7.13
N THR C 351 21.13 -5.38 6.34
CA THR C 351 21.52 -6.75 6.37
C THR C 351 22.07 -7.09 7.72
N LEU C 352 22.89 -6.19 8.29
CA LEU C 352 23.53 -6.42 9.55
C LEU C 352 22.50 -6.60 10.63
N GLU C 353 21.43 -5.79 10.64
CA GLU C 353 20.44 -5.96 11.66
C GLU C 353 19.74 -7.28 11.54
N TYR C 354 19.48 -7.74 10.30
CA TYR C 354 18.83 -8.99 10.08
C TYR C 354 19.67 -10.08 10.68
N ALA C 355 20.98 -10.02 10.42
CA ALA C 355 21.89 -11.04 10.90
C ALA C 355 21.93 -11.00 12.39
N HIS C 356 21.93 -9.79 12.97
CA HIS C 356 22.02 -9.64 14.40
C HIS C 356 20.83 -10.26 15.06
N ARG C 357 19.62 -10.04 14.52
CA ARG C 357 18.43 -10.57 15.11
C ARG C 357 18.42 -12.06 15.04
N ALA C 358 18.87 -12.65 13.92
CA ALA C 358 18.85 -14.06 13.67
C ALA C 358 19.71 -14.78 14.67
N LYS C 359 20.82 -14.15 15.10
CA LYS C 359 21.78 -14.74 15.98
C LYS C 359 21.13 -15.13 17.28
N ASN C 360 20.13 -14.36 17.74
CA ASN C 360 19.45 -14.56 18.98
C ASN C 360 18.63 -15.82 19.01
N ILE C 361 18.14 -16.28 17.85
CA ILE C 361 17.22 -17.39 17.76
C ILE C 361 17.85 -18.68 18.24
N GLN C 362 17.06 -19.51 18.95
CA GLN C 362 17.58 -20.77 19.41
C GLN C 362 16.69 -21.88 18.92
N ASN C 363 17.32 -23.03 18.56
CA ASN C 363 16.62 -24.16 18.01
C ASN C 363 16.83 -25.30 18.95
N LYS C 364 15.97 -26.34 18.85
CA LYS C 364 16.08 -27.50 19.69
C LYS C 364 16.39 -28.65 18.78
N PRO C 365 17.65 -28.98 18.63
CA PRO C 365 17.98 -30.06 17.73
C PRO C 365 18.07 -31.42 18.37
N GLU C 366 17.91 -32.48 17.55
CA GLU C 366 18.10 -33.83 18.01
C GLU C 366 18.42 -34.64 16.80
N VAL C 367 19.08 -35.79 17.02
CA VAL C 367 19.44 -36.60 15.90
C VAL C 367 18.20 -37.36 15.50
N ASN C 368 18.01 -37.63 14.19
CA ASN C 368 16.80 -38.28 13.79
C ASN C 368 17.04 -39.74 13.54
N GLN C 369 16.95 -40.56 14.59
CA GLN C 369 17.21 -41.96 14.42
C GLN C 369 15.92 -42.65 14.13
N LYS C 370 15.97 -43.66 13.25
CA LYS C 370 14.77 -44.37 12.92
C LYS C 370 14.95 -45.76 13.39
N LEU C 371 13.83 -46.43 13.72
CA LEU C 371 13.92 -47.77 14.21
C LEU C 371 13.33 -48.65 13.16
N THR C 372 13.78 -49.92 13.12
CA THR C 372 13.26 -50.86 12.16
C THR C 372 12.12 -51.62 12.82
MG MG D . -6.58 12.21 -7.18
PG GTP E . -3.80 10.51 -5.53
O1G GTP E . -5.26 10.57 -5.93
O2G GTP E . -3.60 9.81 -4.18
O3G GTP E . -2.96 9.69 -6.50
O3B GTP E . -3.36 12.10 -5.44
PB GTP E . -4.06 13.26 -4.50
O1B GTP E . -2.93 13.88 -3.71
O2B GTP E . -4.90 14.14 -5.31
O3A GTP E . -4.85 12.48 -3.45
PA GTP E . -5.93 12.82 -2.43
O1A GTP E . -6.31 11.55 -1.74
O2A GTP E . -7.05 13.57 -3.04
O5' GTP E . -5.15 13.74 -1.32
C5' GTP E . -5.98 14.17 -0.27
C4' GTP E . -5.33 15.01 0.79
O4' GTP E . -5.37 16.41 0.42
C3' GTP E . -6.13 14.89 2.06
O3' GTP E . -5.31 15.15 3.18
C2' GTP E . -7.22 15.94 1.85
O2' GTP E . -7.69 16.39 3.12
C1' GTP E . -6.49 17.04 1.06
N9 GTP E . -7.30 17.71 0.03
C8 GTP E . -7.92 17.12 -1.05
N7 GTP E . -8.57 17.97 -1.80
C5 GTP E . -8.37 19.18 -1.20
C6 GTP E . -8.83 20.45 -1.55
O6 GTP E . -9.52 20.73 -2.53
N1 GTP E . -8.41 21.48 -0.67
C2 GTP E . -7.62 21.26 0.44
N2 GTP E . -7.33 22.31 1.16
N3 GTP E . -7.18 20.06 0.80
C4 GTP E . -7.58 19.07 -0.06
PB GDP F . -24.23 -22.42 -6.62
O1B GDP F . -24.06 -24.04 -6.75
O2B GDP F . -25.37 -21.91 -7.26
O3B GDP F . -22.94 -21.79 -6.99
O3A GDP F . -24.45 -22.09 -5.10
PA GDP F . -25.72 -21.31 -4.34
O1A GDP F . -26.96 -22.11 -4.65
O2A GDP F . -25.74 -19.89 -4.78
O5' GDP F . -25.25 -21.36 -2.85
C5' GDP F . -26.22 -21.28 -1.76
C4' GDP F . -25.99 -20.18 -0.83
O4' GDP F . -26.17 -18.90 -1.56
C3' GDP F . -27.06 -20.04 0.32
O3' GDP F . -26.32 -19.62 1.51
C2' GDP F . -28.06 -18.91 -0.06
O2' GDP F . -28.64 -18.12 0.99
C1' GDP F . -27.22 -18.02 -0.97
N9 GDP F . -27.97 -17.42 -2.09
C8 GDP F . -28.43 -18.31 -3.21
N7 GDP F . -29.02 -17.25 -3.92
C5 GDP F . -28.99 -16.01 -3.43
C6 GDP F . -29.37 -14.66 -3.63
O6 GDP F . -30.03 -14.39 -4.77
N1 GDP F . -29.08 -13.65 -2.80
C2 GDP F . -28.32 -13.96 -1.55
N2 GDP F . -28.17 -12.83 -0.88
N3 GDP F . -27.97 -15.15 -1.30
C4 GDP F . -28.25 -16.13 -2.19
O01 TA1 G . -36.85 1.78 -2.90
C01 TA1 G . -36.15 2.97 -2.47
C02 TA1 G . -35.93 2.80 -0.87
O02 TA1 G . -35.12 1.56 -0.80
C03 TA1 G . -35.73 0.39 -0.31
O03 TA1 G . -36.87 0.35 0.10
C04 TA1 G . -34.85 -0.75 -0.30
C05 TA1 G . -35.50 -1.93 -0.87
C06 TA1 G . -34.64 -3.15 -0.90
C07 TA1 G . -33.30 -3.14 -0.41
C08 TA1 G . -32.85 -2.06 0.05
C09 TA1 G . -33.52 -0.82 0.15
C10 TA1 G . -35.11 3.96 -0.07
C11 TA1 G . -34.00 3.41 0.96
O04 TA1 G . -32.92 2.65 0.28
C12 TA1 G . -32.02 3.27 -0.55
O05 TA1 G . -32.00 4.43 -0.82
C13 TA1 G . -31.04 2.24 -1.08
C14 TA1 G . -34.42 2.41 2.08
O06 TA1 G . -33.93 3.28 3.13
C15 TA1 G . -33.51 4.26 2.16
C16 TA1 G . -34.17 5.65 2.40
C17 TA1 G . -34.99 6.16 1.23
O07 TA1 G . -35.59 7.44 1.58
C18 TA1 G . -36.07 5.10 0.71
C19 TA1 G . -36.87 4.54 1.92
C20 TA1 G . -37.21 5.86 -0.16
O08 TA1 G . -38.36 5.88 0.26
C21 TA1 G . -36.91 6.54 -1.51
O09 TA1 G . -38.19 7.11 -2.03
C22 TA1 G . -38.34 8.48 -2.11
O10 TA1 G . -37.53 9.29 -1.79
C23 TA1 G . -39.71 8.80 -2.66
C24 TA1 G . -36.29 5.53 -2.48
C25 TA1 G . -34.99 5.72 -2.93
C26 TA1 G . -34.39 4.57 -3.79
O11 TA1 G . -32.92 4.62 -3.93
C27 TA1 G . -32.42 5.23 -4.99
O12 TA1 G . -33.02 5.77 -5.87
C28 TA1 G . -30.88 5.16 -4.97
O13 TA1 G . -30.39 5.79 -6.14
C29 TA1 G . -30.46 3.66 -4.88
N01 TA1 G . -31.16 2.97 -5.95
C30 TA1 G . -31.48 1.65 -5.89
O14 TA1 G . -31.18 0.93 -4.95
C31 TA1 G . -32.23 1.16 -7.07
C32 TA1 G . -31.75 1.19 -8.38
C33 TA1 G . -32.53 0.70 -9.46
C34 TA1 G . -33.83 0.19 -9.22
C35 TA1 G . -34.32 0.16 -7.93
C36 TA1 G . -33.56 0.63 -6.85
C37 TA1 G . -28.93 3.50 -4.91
C38 TA1 G . -28.19 3.39 -6.10
C39 TA1 G . -26.78 3.25 -6.05
C40 TA1 G . -26.11 3.22 -4.84
C41 TA1 G . -26.84 3.33 -3.64
C42 TA1 G . -28.24 3.46 -3.69
C43 TA1 G . -34.72 3.15 -3.17
C44 TA1 G . -34.07 6.88 -2.58
C45 TA1 G . -37.13 4.22 -2.92
C46 TA1 G . -38.56 4.04 -2.35
C47 TA1 G . -37.38 4.29 -4.50
PG ANP H . 21.78 -11.19 -6.41
O1G ANP H . 20.81 -10.73 -5.36
O2G ANP H . 21.51 -12.62 -6.62
O3G ANP H . 21.47 -10.46 -7.68
PB ANP H . 24.20 -12.03 -5.03
O1B ANP H . 24.94 -11.25 -4.04
O2B ANP H . 24.39 -13.37 -5.44
N3B ANP H . 23.40 -11.15 -6.15
PA ANP H . 26.53 -12.91 -6.55
O1A ANP H . 27.54 -13.55 -5.72
O2A ANP H . 26.57 -12.90 -8.03
O3A ANP H . 25.60 -11.76 -5.85
O5' ANP H . 27.79 -11.97 -6.86
C5' ANP H . 28.04 -10.60 -6.57
C4' ANP H . 29.14 -10.25 -7.65
O4' ANP H . 30.46 -10.01 -7.00
C3' ANP H . 29.56 -11.33 -8.68
O3' ANP H . 30.09 -10.72 -9.85
C2' ANP H . 30.56 -12.17 -7.88
O2' ANP H . 31.41 -12.95 -8.76
C1' ANP H . 31.32 -11.12 -7.12
N9 ANP H . 31.75 -11.57 -5.75
C8 ANP H . 31.01 -11.74 -4.64
N7 ANP H . 31.73 -12.14 -3.60
C5 ANP H . 33.00 -12.24 -4.03
C6 ANP H . 34.19 -12.60 -3.34
N6 ANP H . 34.31 -12.93 -2.13
N1 ANP H . 35.31 -12.58 -4.17
C2 ANP H . 35.26 -12.23 -5.51
N3 ANP H . 34.17 -11.88 -6.13
C4 ANP H . 33.05 -11.89 -5.35
MG MG I . 22.55 -14.60 -6.35
#